data_6TKV
#
_entry.id   6TKV
#
_cell.length_a   208.039
_cell.length_b   68.589
_cell.length_c   173.921
_cell.angle_alpha   90.00
_cell.angle_beta   149.90
_cell.angle_gamma   90.00
#
_symmetry.space_group_name_H-M   'C 1 2 1'
#
loop_
_entity.id
_entity.type
_entity.pdbx_description
1 polymer Alpha-(1,6)-fucosyltransferase
2 polymer Alpha-(1,6)-fucosyltransferase
3 branched 2-acetamido-2-deoxy-beta-D-glucopyranose-(1-2)-alpha-D-mannopyranose-(1-3)-[2-acetamido-2-deoxy-beta-D-glucopyranose-(1-2)-alpha-D-mannopyranose-(1-6)]beta-D-mannopyranose-(1-4)-2-acetamido-2-deoxy-beta-D-glucopyranose-(1-4)-2-acetamido-2-deoxy-beta-D-glucopyranose
4 non-polymer "GUANOSINE-5'-DIPHOSPHATE"
5 non-polymer GLYCEROL
6 water water
#
loop_
_entity_poly.entity_id
_entity_poly.type
_entity_poly.pdbx_seq_one_letter_code
_entity_poly.pdbx_strand_id
1 'polypeptide(L)'
;GLGKDHEILRRRIENGAKELWFFLQSELKKLKNLEGNELQRHADEFLLDLGHHERSIMTDLYYLSQTDGAGDWREKEAKD
LTELVQRRITYLQNPKDCSKAKKLVCNINKGCGYGCQLHHVVYCFMIAYGTQRTLILESQNWRYATGGWETVFRPVSETC
TDRSGISTGHWSGEVKDKNVQVVELPIVDSLHPRPPYLPLAVPEDLADRLVRVHGDPAVWWVSQFVKYLIRPQPWLEKEI
EEATKKLGFKHPVIGVHVRRTDKVGTEAAFHPIEEYMVHVEEHFQLLARRMQVDKKRVYLATDDPSLLKEAKTKYPNYEF
ISDNSISWSAGLHNRYTENSLRGVILDIHFLSQADFLVCTFSSQVCRVAYEIMQTLHPDASANFHSLDDIYYFGGQNAHN
QIAIYAHQPRTADEIPMEPGDIIGVAGNHWDGYSKGVNRKLGRTGLYPSYKVREKIETVKYPTYPEAE
;
A
2 'polypeptide(L)'
;LGKDHEILRRRIENGAKELWFFLQSELKKLKNLEGNELQRHADEFLLDLGHHERSIMTDLYYLSQTDGAGDWREKEAKDL
TELVQRRITYLQNPKDCSKAKKLVCNINKGCGYGCQLHHVVYCFMIAYGTQRTLILESQNWRYATGGWETVFRPVSETCT
DRSGISTGHWSGEVKDKNVQVVELPIVDSLHPRPPYLPLAVPEDLADRLVRVHGDPAVWWVSQFVKYLIRPQPWLEKEIE
EATKKLGFKHPVIGVHVRRTDKVGTEAAFHPIEEYMVHVEEHFQLLARRMQVDKKRVYLATDDPSLLKEAKTKYPNYEFI
SDNSLRGVILDIHFLSQADFLVCTFSSQVCRVAYEIMQTLHPDASANFHSLDDIYYFGGQNAHNQIAIYAHQPRTADEIP
MEPGDIIGVAGNHWDGYSKGVNRKLGRTGLYPSYKVREKIETVKYPTYPEAEK
;
B
#
# COMPACT_ATOMS: atom_id res chain seq x y z
N GLY A 1 -19.32 16.12 13.06
CA GLY A 1 -18.72 17.37 12.53
C GLY A 1 -18.55 17.29 11.02
N LEU A 2 -18.61 18.41 10.30
CA LEU A 2 -17.95 18.49 8.96
C LEU A 2 -16.48 18.91 9.11
N GLY A 3 -15.64 18.56 8.15
CA GLY A 3 -14.23 18.98 8.10
C GLY A 3 -14.11 20.42 7.60
N LYS A 4 -13.25 21.19 8.21
CA LYS A 4 -12.91 22.57 7.76
C LYS A 4 -12.39 22.56 6.32
N ASP A 5 -11.45 21.65 5.97
CA ASP A 5 -10.91 21.56 4.58
C ASP A 5 -12.05 21.24 3.61
N HIS A 6 -12.96 20.38 4.02
CA HIS A 6 -14.11 19.98 3.16
C HIS A 6 -14.95 21.22 2.81
N GLU A 7 -15.29 22.00 3.83
CA GLU A 7 -16.12 23.24 3.69
C GLU A 7 -15.38 24.26 2.84
N ILE A 8 -14.09 24.49 3.08
CA ILE A 8 -13.28 25.46 2.30
C ILE A 8 -13.30 25.06 0.83
N LEU A 9 -13.11 23.77 0.56
CA LEU A 9 -13.00 23.31 -0.83
C LEU A 9 -14.38 23.38 -1.50
N ARG A 10 -15.45 23.01 -0.81
CA ARG A 10 -16.81 23.03 -1.40
C ARG A 10 -17.09 24.50 -1.81
N ARG A 11 -16.83 25.43 -0.92
CA ARG A 11 -17.11 26.87 -1.22
C ARG A 11 -16.18 27.37 -2.33
N ARG A 12 -14.93 26.89 -2.37
CA ARG A 12 -13.97 27.31 -3.42
C ARG A 12 -14.47 26.81 -4.78
N ILE A 13 -15.00 25.57 -4.85
CA ILE A 13 -15.56 25.04 -6.10
C ILE A 13 -16.75 25.92 -6.53
N GLU A 14 -17.65 26.19 -5.62
CA GLU A 14 -18.87 26.99 -5.89
C GLU A 14 -18.44 28.42 -6.34
N ASN A 15 -17.51 29.04 -5.63
CA ASN A 15 -17.03 30.39 -6.03
C ASN A 15 -16.27 30.34 -7.37
N GLY A 16 -15.50 29.27 -7.61
CA GLY A 16 -14.78 29.09 -8.88
C GLY A 16 -15.73 28.97 -10.03
N ALA A 17 -16.84 28.29 -9.82
CA ALA A 17 -17.87 28.07 -10.86
C ALA A 17 -18.57 29.40 -11.14
N LYS A 18 -18.89 30.14 -10.10
CA LYS A 18 -19.61 31.42 -10.25
C LYS A 18 -18.72 32.38 -11.03
N GLU A 19 -17.45 32.45 -10.65
CA GLU A 19 -16.47 33.34 -11.34
C GLU A 19 -16.34 32.88 -12.80
N LEU A 20 -16.40 31.59 -13.08
CA LEU A 20 -16.36 31.11 -14.48
C LEU A 20 -17.59 31.63 -15.26
N TRP A 21 -18.74 31.62 -14.61
CA TRP A 21 -20.00 32.16 -15.23
C TRP A 21 -19.86 33.70 -15.47
N PHE A 22 -19.30 34.46 -14.54
CA PHE A 22 -19.16 35.93 -14.74
C PHE A 22 -18.24 36.19 -15.94
N PHE A 23 -17.13 35.44 -16.00
CA PHE A 23 -16.10 35.50 -17.05
C PHE A 23 -16.72 35.10 -18.37
N LEU A 24 -17.47 33.99 -18.44
CA LEU A 24 -18.07 33.52 -19.70
C LEU A 24 -18.97 34.61 -20.28
N GLN A 25 -19.88 35.18 -19.50
CA GLN A 25 -20.90 36.08 -20.05
C GLN A 25 -20.26 37.41 -20.43
N SER A 26 -19.26 37.91 -19.68
CA SER A 26 -18.51 39.11 -20.08
C SER A 26 -17.77 38.86 -21.40
N GLU A 27 -16.99 37.77 -21.55
CA GLU A 27 -16.07 37.60 -22.68
C GLU A 27 -16.89 37.27 -23.94
N LEU A 28 -18.02 36.57 -23.83
CA LEU A 28 -18.86 36.21 -24.99
C LEU A 28 -19.56 37.49 -25.51
N LYS A 29 -20.00 38.39 -24.63
CA LYS A 29 -20.56 39.71 -25.03
C LYS A 29 -19.46 40.50 -25.77
N LYS A 30 -18.19 40.44 -25.37
CA LYS A 30 -17.09 41.08 -26.15
C LYS A 30 -16.91 40.38 -27.50
N LEU A 31 -16.91 39.04 -27.57
CA LEU A 31 -16.66 38.32 -28.85
C LEU A 31 -17.65 38.80 -29.92
N LYS A 32 -18.91 38.97 -29.53
CA LYS A 32 -20.00 39.43 -30.42
C LYS A 32 -19.63 40.74 -31.15
N ASN A 33 -18.78 41.57 -30.59
CA ASN A 33 -18.41 42.89 -31.15
C ASN A 33 -17.12 42.86 -31.97
N LEU A 34 -16.60 41.68 -32.30
CA LEU A 34 -15.32 41.57 -33.03
C LEU A 34 -15.58 40.80 -34.33
N GLU A 35 -14.62 40.85 -35.25
CA GLU A 35 -14.73 40.17 -36.56
C GLU A 35 -13.34 39.70 -37.00
N GLY A 36 -13.33 38.73 -37.92
CA GLY A 36 -12.13 38.22 -38.60
C GLY A 36 -11.02 37.93 -37.62
N ASN A 37 -9.88 38.61 -37.72
CA ASN A 37 -8.63 38.23 -37.01
C ASN A 37 -8.73 38.54 -35.52
N GLU A 38 -9.23 39.72 -35.16
CA GLU A 38 -9.45 40.06 -33.74
C GLU A 38 -10.41 39.05 -33.09
N LEU A 39 -11.45 38.58 -33.76
CA LEU A 39 -12.33 37.51 -33.25
C LEU A 39 -11.55 36.20 -33.03
N GLN A 40 -10.70 35.75 -33.99
CA GLN A 40 -9.89 34.50 -33.86
C GLN A 40 -8.96 34.62 -32.64
N ARG A 41 -8.21 35.71 -32.56
CA ARG A 41 -7.23 35.95 -31.49
C ARG A 41 -7.95 36.00 -30.14
N HIS A 42 -9.08 36.72 -30.04
CA HIS A 42 -9.83 36.83 -28.77
C HIS A 42 -10.33 35.45 -28.32
N ALA A 43 -10.96 34.68 -29.22
CA ALA A 43 -11.50 33.32 -28.97
C ALA A 43 -10.37 32.38 -28.48
N ASP A 44 -9.21 32.42 -29.11
CA ASP A 44 -8.04 31.58 -28.76
C ASP A 44 -7.53 31.98 -27.37
N GLU A 45 -7.41 33.27 -27.07
CA GLU A 45 -6.92 33.71 -25.74
C GLU A 45 -7.95 33.26 -24.69
N PHE A 46 -9.24 33.42 -25.02
CA PHE A 46 -10.37 33.06 -24.15
C PHE A 46 -10.30 31.56 -23.81
N LEU A 47 -10.13 30.71 -24.80
CA LEU A 47 -10.03 29.22 -24.58
C LEU A 47 -8.86 28.88 -23.67
N LEU A 48 -7.72 29.47 -23.89
CA LEU A 48 -6.54 29.25 -23.02
C LEU A 48 -6.85 29.62 -21.56
N ASP A 49 -7.47 30.78 -21.31
CA ASP A 49 -7.82 31.25 -19.95
C ASP A 49 -8.86 30.31 -19.37
N LEU A 50 -9.86 29.91 -20.15
CA LEU A 50 -10.90 28.98 -19.67
C LEU A 50 -10.26 27.66 -19.28
N GLY A 51 -9.34 27.12 -20.07
CA GLY A 51 -8.68 25.85 -19.71
C GLY A 51 -8.06 25.93 -18.33
N HIS A 52 -7.32 26.99 -18.01
CA HIS A 52 -6.66 27.10 -16.68
C HIS A 52 -7.72 27.15 -15.58
N HIS A 53 -8.79 27.90 -15.83
CA HIS A 53 -9.89 28.12 -14.86
C HIS A 53 -10.62 26.79 -14.58
N GLU A 54 -10.99 26.12 -15.65
CA GLU A 54 -11.65 24.81 -15.59
C GLU A 54 -10.74 23.84 -14.83
N ARG A 55 -9.46 23.78 -15.13
CA ARG A 55 -8.53 22.82 -14.45
C ARG A 55 -8.43 23.16 -12.95
N SER A 56 -8.52 24.46 -12.53
CA SER A 56 -8.51 24.82 -11.10
C SER A 56 -9.74 24.20 -10.45
N ILE A 57 -10.92 24.26 -11.09
CA ILE A 57 -12.17 23.67 -10.53
C ILE A 57 -12.03 22.13 -10.41
N MET A 58 -11.46 21.46 -11.41
CA MET A 58 -11.29 19.98 -11.41
C MET A 58 -10.28 19.59 -10.33
N THR A 59 -9.23 20.37 -10.14
CA THR A 59 -8.21 20.13 -9.08
C THR A 59 -8.87 20.22 -7.72
N ASP A 60 -9.70 21.24 -7.51
CA ASP A 60 -10.39 21.40 -6.21
C ASP A 60 -11.32 20.21 -5.97
N LEU A 61 -12.00 19.74 -7.01
CA LEU A 61 -12.91 18.56 -6.89
C LEU A 61 -12.07 17.30 -6.58
N TYR A 62 -10.87 17.20 -7.13
CA TYR A 62 -9.98 16.08 -6.77
C TYR A 62 -9.64 16.19 -5.27
N TYR A 63 -9.21 17.35 -4.81
CA TYR A 63 -8.88 17.50 -3.37
C TYR A 63 -10.11 17.21 -2.50
N LEU A 64 -11.29 17.68 -2.91
CA LEU A 64 -12.52 17.37 -2.14
C LEU A 64 -12.75 15.84 -2.00
N SER A 65 -12.46 15.06 -3.05
CA SER A 65 -12.61 13.58 -3.06
C SER A 65 -11.69 12.95 -2.01
N GLN A 66 -10.59 13.62 -1.60
CA GLN A 66 -9.51 13.03 -0.76
C GLN A 66 -9.60 13.53 0.68
N THR A 67 -10.15 14.74 0.89
CA THR A 67 -9.94 15.54 2.11
C THR A 67 -10.62 14.90 3.32
N ASP A 68 -10.08 15.19 4.51
CA ASP A 68 -10.71 14.84 5.79
C ASP A 68 -10.89 13.31 5.86
N GLY A 69 -9.92 12.53 5.39
CA GLY A 69 -10.03 11.07 5.52
C GLY A 69 -10.79 10.38 4.40
N ALA A 70 -11.46 11.10 3.49
CA ALA A 70 -12.30 10.47 2.44
C ALA A 70 -11.44 9.51 1.58
N GLY A 71 -10.20 9.89 1.22
CA GLY A 71 -9.33 9.06 0.38
C GLY A 71 -9.03 7.74 1.08
N ASP A 72 -8.60 7.81 2.34
CA ASP A 72 -8.29 6.61 3.16
C ASP A 72 -9.55 5.76 3.28
N TRP A 73 -10.70 6.37 3.58
CA TRP A 73 -11.98 5.62 3.65
C TRP A 73 -12.24 4.89 2.30
N ARG A 74 -12.10 5.56 1.15
CA ARG A 74 -12.48 5.01 -0.17
C ARG A 74 -11.56 3.80 -0.40
N GLU A 75 -10.28 3.95 -0.09
CA GLU A 75 -9.29 2.89 -0.34
C GLU A 75 -9.65 1.66 0.52
N LYS A 76 -9.96 1.87 1.78
CA LYS A 76 -10.32 0.77 2.69
C LYS A 76 -11.63 0.07 2.22
N GLU A 77 -12.63 0.83 1.79
CA GLU A 77 -13.95 0.29 1.37
C GLU A 77 -13.77 -0.52 0.07
N ALA A 78 -13.00 0.01 -0.88
CA ALA A 78 -12.75 -0.66 -2.19
C ALA A 78 -11.99 -1.97 -1.94
N LYS A 79 -11.05 -1.96 -1.01
CA LYS A 79 -10.29 -3.18 -0.63
C LYS A 79 -11.21 -4.20 0.00
N ASP A 80 -12.06 -3.79 0.94
CA ASP A 80 -13.03 -4.69 1.59
C ASP A 80 -13.97 -5.37 0.55
N LEU A 81 -14.49 -4.59 -0.39
CA LEU A 81 -15.40 -5.12 -1.44
C LEU A 81 -14.66 -6.07 -2.39
N THR A 82 -13.46 -5.78 -2.82
CA THR A 82 -12.70 -6.64 -3.72
C THR A 82 -12.43 -7.97 -3.02
N GLU A 83 -11.97 -7.87 -1.76
CA GLU A 83 -11.65 -9.09 -1.00
C GLU A 83 -12.91 -9.92 -0.83
N LEU A 84 -14.03 -9.27 -0.51
CA LEU A 84 -15.34 -9.98 -0.38
C LEU A 84 -15.67 -10.75 -1.69
N VAL A 85 -15.68 -10.06 -2.84
CA VAL A 85 -16.04 -10.67 -4.14
C VAL A 85 -15.01 -11.78 -4.47
N GLN A 86 -13.72 -11.52 -4.33
CA GLN A 86 -12.68 -12.53 -4.68
C GLN A 86 -12.87 -13.80 -3.84
N ARG A 87 -13.25 -13.66 -2.57
CA ARG A 87 -13.52 -14.79 -1.64
C ARG A 87 -14.74 -15.58 -2.15
N ARG A 88 -15.79 -14.88 -2.57
CA ARG A 88 -17.01 -15.54 -3.10
C ARG A 88 -16.68 -16.31 -4.39
N ILE A 89 -15.90 -15.72 -5.29
CA ILE A 89 -15.50 -16.40 -6.56
C ILE A 89 -14.66 -17.63 -6.23
N THR A 90 -13.69 -17.50 -5.31
CA THR A 90 -12.78 -18.61 -4.91
C THR A 90 -13.62 -19.74 -4.32
N TYR A 91 -14.59 -19.39 -3.50
CA TYR A 91 -15.49 -20.37 -2.87
C TYR A 91 -16.27 -21.10 -3.98
N LEU A 92 -16.89 -20.39 -4.92
CA LEU A 92 -17.64 -21.00 -6.03
C LEU A 92 -16.73 -21.95 -6.82
N GLN A 93 -15.49 -21.54 -7.09
CA GLN A 93 -14.57 -22.18 -8.04
C GLN A 93 -13.95 -23.46 -7.41
N ASN A 94 -14.04 -23.65 -6.08
CA ASN A 94 -13.25 -24.66 -5.36
C ASN A 94 -14.20 -25.55 -4.54
N PRO A 95 -15.16 -26.25 -5.17
CA PRO A 95 -16.00 -27.20 -4.43
C PRO A 95 -15.09 -28.29 -3.85
N LYS A 96 -15.51 -28.86 -2.74
CA LYS A 96 -14.77 -29.96 -2.04
C LYS A 96 -14.87 -31.24 -2.87
N ASP A 97 -15.98 -31.47 -3.57
CA ASP A 97 -16.14 -32.71 -4.38
C ASP A 97 -16.51 -32.33 -5.81
N CYS A 98 -15.51 -32.28 -6.70
CA CYS A 98 -15.70 -31.87 -8.10
C CYS A 98 -16.76 -32.75 -8.77
N SER A 99 -16.77 -34.04 -8.46
CA SER A 99 -17.73 -35.05 -9.00
C SER A 99 -19.16 -34.60 -8.93
N LYS A 100 -19.50 -34.00 -7.80
CA LYS A 100 -20.88 -33.69 -7.46
C LYS A 100 -21.15 -32.20 -7.66
N ALA A 101 -20.19 -31.39 -8.07
CA ALA A 101 -20.39 -29.95 -8.30
C ALA A 101 -21.30 -29.70 -9.52
N LYS A 102 -22.26 -28.81 -9.41
CA LYS A 102 -22.89 -28.12 -10.57
C LYS A 102 -21.80 -27.30 -11.31
N LYS A 103 -21.82 -27.35 -12.64
CA LYS A 103 -20.74 -26.80 -13.49
C LYS A 103 -21.32 -26.09 -14.71
N LEU A 104 -20.55 -25.12 -15.18
CA LEU A 104 -20.82 -24.37 -16.43
C LEU A 104 -19.57 -24.41 -17.27
N VAL A 105 -19.73 -24.97 -18.47
CA VAL A 105 -18.61 -25.18 -19.39
C VAL A 105 -18.54 -24.04 -20.40
N CYS A 106 -17.35 -23.49 -20.52
CA CYS A 106 -17.02 -22.36 -21.40
C CYS A 106 -15.91 -22.81 -22.33
N ASN A 107 -16.06 -22.57 -23.62
CA ASN A 107 -14.95 -22.78 -24.58
C ASN A 107 -14.31 -21.44 -24.96
N ILE A 108 -13.01 -21.31 -24.83
CA ILE A 108 -12.32 -20.00 -25.05
C ILE A 108 -12.30 -19.64 -26.54
N ASN A 109 -12.48 -20.62 -27.44
CA ASN A 109 -12.10 -20.48 -28.87
C ASN A 109 -13.17 -19.75 -29.67
N LYS A 110 -13.72 -18.63 -29.19
CA LYS A 110 -14.60 -17.78 -30.02
C LYS A 110 -13.76 -17.25 -31.19
N GLY A 111 -14.40 -16.95 -32.33
CA GLY A 111 -13.73 -16.52 -33.58
C GLY A 111 -13.38 -15.05 -33.54
N CYS A 112 -12.39 -14.66 -32.73
CA CYS A 112 -12.07 -13.23 -32.52
C CYS A 112 -10.74 -13.15 -31.78
N GLY A 113 -10.24 -11.93 -31.51
CA GLY A 113 -8.94 -11.75 -30.85
C GLY A 113 -9.01 -11.92 -29.33
N TYR A 114 -7.88 -11.68 -28.67
CA TYR A 114 -7.62 -11.98 -27.24
C TYR A 114 -8.64 -11.25 -26.37
N GLY A 115 -8.86 -9.95 -26.62
CA GLY A 115 -9.75 -9.19 -25.73
C GLY A 115 -11.18 -9.66 -25.85
N CYS A 116 -11.64 -9.92 -27.06
CA CYS A 116 -12.96 -10.55 -27.34
C CYS A 116 -13.05 -11.93 -26.68
N GLN A 117 -11.97 -12.72 -26.70
CA GLN A 117 -11.98 -14.08 -26.09
C GLN A 117 -11.97 -13.97 -24.56
N LEU A 118 -11.17 -13.04 -23.99
CA LEU A 118 -11.22 -12.83 -22.52
C LEU A 118 -12.63 -12.37 -22.14
N HIS A 119 -13.27 -11.49 -22.90
CA HIS A 119 -14.64 -10.99 -22.55
C HIS A 119 -15.64 -12.16 -22.62
N HIS A 120 -15.48 -13.08 -23.58
CA HIS A 120 -16.32 -14.29 -23.63
C HIS A 120 -16.17 -15.09 -22.32
N VAL A 121 -14.95 -15.29 -21.84
CA VAL A 121 -14.73 -16.02 -20.57
C VAL A 121 -15.34 -15.24 -19.40
N VAL A 122 -15.23 -13.90 -19.40
CA VAL A 122 -15.84 -13.12 -18.31
C VAL A 122 -17.34 -13.36 -18.32
N TYR A 123 -17.94 -13.30 -19.48
CA TYR A 123 -19.41 -13.49 -19.61
C TYR A 123 -19.80 -14.86 -19.07
N CYS A 124 -19.06 -15.89 -19.43
CA CYS A 124 -19.30 -17.28 -18.91
C CYS A 124 -19.21 -17.31 -17.38
N PHE A 125 -18.19 -16.63 -16.85
CA PHE A 125 -17.88 -16.59 -15.42
C PHE A 125 -19.02 -15.93 -14.63
N MET A 126 -19.54 -14.81 -15.14
CA MET A 126 -20.58 -14.00 -14.47
C MET A 126 -21.88 -14.81 -14.44
N ILE A 127 -22.18 -15.54 -15.51
CA ILE A 127 -23.35 -16.46 -15.49
C ILE A 127 -23.08 -17.66 -14.57
N ALA A 128 -21.88 -18.19 -14.55
CA ALA A 128 -21.51 -19.26 -13.59
C ALA A 128 -21.81 -18.78 -12.17
N TYR A 129 -21.32 -17.57 -11.85
CA TYR A 129 -21.49 -16.99 -10.50
C TYR A 129 -22.99 -16.82 -10.21
N GLY A 130 -23.77 -16.31 -11.14
CA GLY A 130 -25.20 -16.09 -10.94
C GLY A 130 -25.97 -17.38 -10.73
N THR A 131 -25.53 -18.48 -11.34
CA THR A 131 -26.30 -19.74 -11.38
C THR A 131 -25.73 -20.71 -10.35
N GLN A 132 -24.74 -20.31 -9.55
CA GLN A 132 -24.10 -21.22 -8.56
C GLN A 132 -23.46 -22.43 -9.29
N ARG A 133 -22.82 -22.20 -10.43
CA ARG A 133 -22.13 -23.29 -11.17
C ARG A 133 -20.65 -22.99 -11.15
N THR A 134 -19.82 -23.99 -10.80
CA THR A 134 -18.35 -23.89 -10.98
C THR A 134 -18.05 -23.68 -12.47
N LEU A 135 -17.32 -22.62 -12.82
CA LEU A 135 -16.82 -22.38 -14.20
C LEU A 135 -15.74 -23.44 -14.55
N ILE A 136 -15.97 -24.17 -15.63
CA ILE A 136 -14.95 -25.05 -16.26
C ILE A 136 -14.54 -24.41 -17.57
N LEU A 137 -13.25 -24.12 -17.73
CA LEU A 137 -12.76 -23.40 -18.92
C LEU A 137 -12.05 -24.40 -19.81
N GLU A 138 -12.54 -24.58 -21.03
CA GLU A 138 -11.96 -25.51 -22.03
C GLU A 138 -11.14 -24.65 -22.97
N SER A 139 -9.86 -24.88 -23.05
CA SER A 139 -8.95 -23.99 -23.79
C SER A 139 -7.94 -24.74 -24.66
N GLN A 140 -8.08 -26.08 -24.89
CA GLN A 140 -7.22 -26.80 -25.86
C GLN A 140 -7.41 -26.22 -27.26
N ASN A 141 -6.32 -26.10 -28.01
CA ASN A 141 -6.31 -25.58 -29.42
C ASN A 141 -6.66 -24.07 -29.45
N TRP A 142 -6.43 -23.37 -28.35
CA TRP A 142 -6.52 -21.87 -28.35
C TRP A 142 -5.61 -21.30 -29.43
N ARG A 143 -6.13 -20.48 -30.31
CA ARG A 143 -5.36 -19.90 -31.44
C ARG A 143 -4.12 -19.13 -30.92
N TYR A 144 -4.10 -18.63 -29.68
CA TYR A 144 -2.93 -17.85 -29.16
C TYR A 144 -1.91 -18.81 -28.52
N ALA A 145 -2.37 -19.96 -28.04
CA ALA A 145 -1.54 -20.92 -27.29
C ALA A 145 -2.26 -22.28 -27.30
N THR A 146 -1.81 -23.16 -28.18
CA THR A 146 -2.40 -24.52 -28.39
C THR A 146 -2.45 -25.28 -27.05
N GLY A 147 -1.49 -25.11 -26.16
CA GLY A 147 -1.50 -25.66 -24.78
C GLY A 147 -2.57 -25.05 -23.86
N GLY A 148 -3.18 -23.94 -24.22
CA GLY A 148 -4.33 -23.43 -23.48
C GLY A 148 -3.98 -22.31 -22.51
N TRP A 149 -4.98 -22.00 -21.72
CA TRP A 149 -5.01 -20.93 -20.71
C TRP A 149 -3.79 -21.00 -19.78
N GLU A 150 -3.47 -22.19 -19.28
CA GLU A 150 -2.43 -22.41 -18.24
C GLU A 150 -1.03 -22.19 -18.82
N THR A 151 -0.87 -21.93 -20.12
CA THR A 151 0.36 -21.38 -20.72
C THR A 151 0.72 -20.00 -20.09
N VAL A 152 -0.28 -19.19 -19.69
CA VAL A 152 -0.01 -17.82 -19.17
C VAL A 152 -0.61 -17.61 -17.78
N PHE A 153 -1.84 -18.07 -17.54
CA PHE A 153 -2.62 -17.76 -16.31
C PHE A 153 -2.83 -19.02 -15.46
N ARG A 154 -3.03 -18.81 -14.17
CA ARG A 154 -3.36 -19.87 -13.21
C ARG A 154 -4.63 -20.56 -13.68
N PRO A 155 -4.79 -21.83 -13.35
CA PRO A 155 -6.05 -22.50 -13.68
C PRO A 155 -7.12 -21.79 -12.86
N VAL A 156 -8.35 -21.88 -13.36
CA VAL A 156 -9.52 -21.14 -12.81
C VAL A 156 -10.06 -21.78 -11.53
N SER A 157 -9.52 -22.93 -11.17
CA SER A 157 -9.83 -23.68 -9.93
C SER A 157 -8.58 -24.48 -9.53
N GLU A 158 -8.42 -24.75 -8.23
CA GLU A 158 -7.42 -25.68 -7.67
C GLU A 158 -8.03 -27.07 -7.45
N THR A 159 -9.34 -27.23 -7.33
CA THR A 159 -9.99 -28.48 -6.88
C THR A 159 -10.89 -29.07 -7.97
N CYS A 160 -11.24 -28.32 -9.00
CA CYS A 160 -12.34 -28.75 -9.89
C CYS A 160 -12.16 -28.16 -11.29
N THR A 161 -11.39 -28.86 -12.11
CA THR A 161 -11.20 -28.50 -13.54
C THR A 161 -11.75 -29.63 -14.44
N ASP A 162 -12.41 -30.63 -13.88
CA ASP A 162 -12.92 -31.82 -14.59
C ASP A 162 -14.39 -31.60 -14.89
N ARG A 163 -14.85 -32.02 -16.08
CA ARG A 163 -16.23 -31.81 -16.56
C ARG A 163 -17.22 -32.90 -16.15
N SER A 164 -16.88 -33.81 -15.25
CA SER A 164 -17.74 -34.98 -14.95
C SER A 164 -19.05 -34.50 -14.35
N GLY A 165 -20.16 -35.15 -14.70
CA GLY A 165 -21.48 -34.96 -14.09
C GLY A 165 -22.41 -36.09 -14.43
N ILE A 166 -23.53 -36.17 -13.72
CA ILE A 166 -24.53 -37.24 -13.95
C ILE A 166 -25.36 -36.87 -15.20
N SER A 167 -25.47 -35.58 -15.52
CA SER A 167 -26.25 -35.05 -16.66
C SER A 167 -25.50 -33.85 -17.27
N THR A 168 -25.60 -33.73 -18.59
CA THR A 168 -25.02 -32.61 -19.36
C THR A 168 -26.09 -32.11 -20.30
N GLY A 169 -26.05 -30.84 -20.68
CA GLY A 169 -26.92 -30.28 -21.72
C GLY A 169 -26.46 -28.89 -22.14
N HIS A 170 -26.98 -28.44 -23.28
CA HIS A 170 -26.80 -27.06 -23.78
C HIS A 170 -27.68 -26.14 -22.95
N TRP A 171 -27.16 -24.96 -22.63
CA TRP A 171 -27.92 -23.91 -21.92
C TRP A 171 -29.36 -23.80 -22.48
N SER A 172 -30.37 -23.91 -21.62
CA SER A 172 -31.80 -23.69 -22.01
C SER A 172 -32.52 -22.87 -20.94
N GLY A 173 -31.80 -22.28 -20.00
CA GLY A 173 -32.35 -21.34 -19.00
C GLY A 173 -32.36 -21.99 -17.64
N GLU A 174 -32.30 -21.16 -16.60
CA GLU A 174 -32.06 -21.61 -15.21
C GLU A 174 -33.13 -22.59 -14.76
N VAL A 175 -34.39 -22.32 -15.11
CA VAL A 175 -35.55 -23.18 -14.72
C VAL A 175 -35.41 -24.56 -15.38
N LYS A 176 -35.30 -24.65 -16.71
CA LYS A 176 -35.13 -25.97 -17.38
C LYS A 176 -33.85 -26.69 -16.95
N ASP A 177 -32.78 -25.96 -16.60
CA ASP A 177 -31.43 -26.55 -16.35
C ASP A 177 -31.23 -26.86 -14.87
N LYS A 178 -32.23 -26.62 -14.04
CA LYS A 178 -32.11 -26.73 -12.56
C LYS A 178 -31.47 -28.09 -12.16
N ASN A 179 -31.86 -29.20 -12.77
CA ASN A 179 -31.32 -30.52 -12.33
C ASN A 179 -30.33 -31.04 -13.37
N VAL A 180 -29.77 -30.17 -14.23
CA VAL A 180 -28.70 -30.58 -15.18
C VAL A 180 -27.36 -30.22 -14.54
N GLN A 181 -26.55 -31.22 -14.27
CA GLN A 181 -25.31 -31.01 -13.49
C GLN A 181 -24.32 -30.15 -14.28
N VAL A 182 -24.15 -30.40 -15.58
CA VAL A 182 -23.16 -29.60 -16.36
C VAL A 182 -23.81 -29.02 -17.60
N VAL A 183 -23.85 -27.68 -17.59
CA VAL A 183 -24.44 -26.96 -18.71
C VAL A 183 -23.30 -26.39 -19.53
N GLU A 184 -23.41 -26.53 -20.85
CA GLU A 184 -22.51 -25.90 -21.85
C GLU A 184 -23.10 -24.56 -22.31
N LEU A 185 -22.35 -23.47 -22.13
CA LEU A 185 -22.83 -22.12 -22.50
C LEU A 185 -22.27 -21.73 -23.87
N PRO A 186 -23.11 -21.30 -24.83
CA PRO A 186 -22.62 -20.77 -26.11
C PRO A 186 -22.19 -19.31 -25.94
N ILE A 187 -21.62 -18.75 -27.01
CA ILE A 187 -21.29 -17.31 -27.13
C ILE A 187 -22.55 -16.46 -26.89
N VAL A 188 -22.35 -15.25 -26.38
CA VAL A 188 -23.50 -14.39 -25.98
C VAL A 188 -24.33 -14.05 -27.24
N ASP A 189 -23.69 -13.93 -28.39
CA ASP A 189 -24.36 -13.71 -29.70
C ASP A 189 -25.47 -14.76 -29.95
N SER A 190 -25.36 -16.01 -29.46
CA SER A 190 -26.34 -17.11 -29.68
C SER A 190 -27.13 -17.49 -28.42
N LEU A 191 -27.04 -16.74 -27.33
CA LEU A 191 -27.59 -17.21 -26.04
C LEU A 191 -29.09 -16.93 -26.01
N HIS A 192 -29.87 -17.95 -25.73
CA HIS A 192 -31.33 -17.88 -25.54
C HIS A 192 -31.78 -19.01 -24.62
N PRO A 193 -32.57 -18.75 -23.56
CA PRO A 193 -32.94 -17.38 -23.16
C PRO A 193 -31.79 -16.70 -22.37
N ARG A 194 -31.76 -15.37 -22.38
CA ARG A 194 -30.73 -14.58 -21.63
C ARG A 194 -31.08 -14.62 -20.15
N PRO A 195 -30.15 -14.98 -19.25
CA PRO A 195 -30.43 -14.85 -17.82
C PRO A 195 -30.12 -13.41 -17.42
N PRO A 196 -30.47 -12.97 -16.20
CA PRO A 196 -30.22 -11.57 -15.81
C PRO A 196 -28.78 -11.22 -15.39
N TYR A 197 -27.91 -12.23 -15.27
CA TYR A 197 -26.51 -12.11 -14.74
C TYR A 197 -25.55 -11.64 -15.83
N LEU A 198 -25.86 -10.50 -16.46
CA LEU A 198 -25.06 -9.92 -17.55
C LEU A 198 -24.76 -8.47 -17.21
N PRO A 199 -23.67 -7.89 -17.77
CA PRO A 199 -23.46 -6.44 -17.71
C PRO A 199 -24.64 -5.75 -18.38
N LEU A 200 -24.95 -4.50 -18.01
CA LEU A 200 -24.23 -3.67 -17.08
C LEU A 200 -24.91 -3.68 -15.72
N ALA A 201 -25.73 -4.66 -15.40
CA ALA A 201 -26.33 -4.72 -14.06
C ALA A 201 -25.24 -5.11 -13.06
N VAL A 202 -25.59 -4.87 -11.80
CA VAL A 202 -24.68 -5.13 -10.66
C VAL A 202 -25.51 -5.85 -9.61
N PRO A 203 -24.86 -6.64 -8.72
CA PRO A 203 -25.59 -7.39 -7.70
C PRO A 203 -26.33 -6.44 -6.73
N GLU A 204 -27.60 -6.73 -6.53
CA GLU A 204 -28.49 -6.04 -5.55
C GLU A 204 -27.81 -5.96 -4.17
N ASP A 205 -27.17 -7.01 -3.71
CA ASP A 205 -26.54 -7.02 -2.35
C ASP A 205 -25.35 -6.04 -2.24
N LEU A 206 -24.69 -5.68 -3.34
CA LEU A 206 -23.48 -4.83 -3.28
C LEU A 206 -23.80 -3.39 -3.75
N ALA A 207 -24.94 -3.16 -4.37
CA ALA A 207 -25.24 -1.96 -5.17
C ALA A 207 -25.05 -0.68 -4.33
N ASP A 208 -25.59 -0.62 -3.12
CA ASP A 208 -25.45 0.59 -2.26
C ASP A 208 -23.97 0.87 -2.00
N ARG A 209 -23.19 -0.13 -1.60
CA ARG A 209 -21.74 0.06 -1.31
C ARG A 209 -20.99 0.43 -2.60
N LEU A 210 -21.33 -0.18 -3.74
CA LEU A 210 -20.64 0.12 -5.01
C LEU A 210 -20.93 1.54 -5.48
N VAL A 211 -22.18 1.98 -5.45
CA VAL A 211 -22.53 3.35 -5.89
C VAL A 211 -21.78 4.35 -4.99
N ARG A 212 -21.66 4.07 -3.70
CA ARG A 212 -20.97 4.99 -2.77
C ARG A 212 -19.50 5.10 -3.10
N VAL A 213 -18.85 4.01 -3.47
CA VAL A 213 -17.37 4.01 -3.61
C VAL A 213 -16.96 4.32 -5.06
N HIS A 214 -17.82 4.10 -6.07
CA HIS A 214 -17.35 3.98 -7.47
C HIS A 214 -18.28 4.70 -8.45
N GLY A 215 -17.68 5.39 -9.42
CA GLY A 215 -18.36 6.17 -10.46
C GLY A 215 -18.96 5.28 -11.53
N ASP A 216 -18.58 4.00 -11.68
CA ASP A 216 -19.19 3.10 -12.69
C ASP A 216 -19.22 1.68 -12.15
N PRO A 217 -20.18 1.38 -11.28
CA PRO A 217 -20.26 0.07 -10.65
C PRO A 217 -20.29 -1.09 -11.66
N ALA A 218 -20.81 -0.88 -12.87
CA ALA A 218 -20.92 -1.91 -13.91
C ALA A 218 -19.52 -2.42 -14.27
N VAL A 219 -18.57 -1.48 -14.50
CA VAL A 219 -17.20 -1.83 -14.91
C VAL A 219 -16.52 -2.50 -13.74
N TRP A 220 -16.75 -2.00 -12.53
CA TRP A 220 -16.09 -2.57 -11.34
C TRP A 220 -16.46 -4.08 -11.21
N TRP A 221 -17.74 -4.39 -11.37
CA TRP A 221 -18.26 -5.76 -11.28
C TRP A 221 -17.62 -6.63 -12.38
N VAL A 222 -17.63 -6.22 -13.65
CA VAL A 222 -16.91 -6.93 -14.73
C VAL A 222 -15.44 -7.15 -14.30
N SER A 223 -14.77 -6.09 -13.83
CA SER A 223 -13.33 -6.14 -13.48
C SER A 223 -13.03 -7.23 -12.43
N GLN A 224 -13.96 -7.61 -11.58
CA GLN A 224 -13.69 -8.62 -10.52
C GLN A 224 -13.49 -10.01 -11.14
N PHE A 225 -14.19 -10.28 -12.25
CA PHE A 225 -14.02 -11.55 -13.00
C PHE A 225 -12.73 -11.46 -13.81
N VAL A 226 -12.42 -10.29 -14.37
CA VAL A 226 -11.15 -10.11 -15.12
C VAL A 226 -10.00 -10.37 -14.15
N LYS A 227 -10.09 -9.79 -12.95
CA LYS A 227 -9.00 -9.85 -11.94
C LYS A 227 -8.69 -11.33 -11.63
N TYR A 228 -9.73 -12.09 -11.35
CA TYR A 228 -9.61 -13.52 -11.00
C TYR A 228 -9.02 -14.35 -12.18
N LEU A 229 -9.48 -14.09 -13.40
CA LEU A 229 -9.03 -14.84 -14.59
C LEU A 229 -7.55 -14.63 -14.88
N ILE A 230 -7.04 -13.43 -14.73
CA ILE A 230 -5.70 -13.12 -15.29
C ILE A 230 -4.63 -13.21 -14.20
N ARG A 231 -4.88 -13.88 -13.07
CA ARG A 231 -3.81 -14.23 -12.12
C ARG A 231 -2.67 -14.92 -12.90
N PRO A 232 -1.45 -14.35 -12.95
CA PRO A 232 -0.40 -14.90 -13.82
C PRO A 232 0.31 -16.16 -13.28
N GLN A 233 0.78 -17.02 -14.19
CA GLN A 233 1.70 -18.12 -13.81
C GLN A 233 2.99 -17.46 -13.32
N PRO A 234 3.81 -18.13 -12.49
CA PRO A 234 5.01 -17.49 -11.94
C PRO A 234 5.98 -17.01 -13.02
N TRP A 235 6.13 -17.76 -14.12
CA TRP A 235 7.00 -17.30 -15.22
C TRP A 235 6.49 -15.98 -15.81
N LEU A 236 5.18 -15.80 -15.98
CA LEU A 236 4.67 -14.52 -16.57
C LEU A 236 4.85 -13.36 -15.57
N GLU A 237 4.66 -13.61 -14.29
CA GLU A 237 4.85 -12.60 -13.25
C GLU A 237 6.30 -12.13 -13.30
N LYS A 238 7.27 -13.05 -13.46
CA LYS A 238 8.71 -12.69 -13.57
C LYS A 238 8.94 -11.88 -14.85
N GLU A 239 8.33 -12.27 -15.96
CA GLU A 239 8.50 -11.54 -17.24
C GLU A 239 8.00 -10.08 -17.09
N ILE A 240 6.87 -9.84 -16.44
CA ILE A 240 6.29 -8.47 -16.26
C ILE A 240 7.24 -7.64 -15.39
N GLU A 241 7.72 -8.20 -14.28
CA GLU A 241 8.70 -7.56 -13.38
C GLU A 241 9.91 -7.09 -14.19
N GLU A 242 10.48 -7.98 -14.99
CA GLU A 242 11.71 -7.60 -15.71
C GLU A 242 11.35 -6.67 -16.89
N ALA A 243 10.18 -6.79 -17.54
CA ALA A 243 9.72 -5.86 -18.59
C ALA A 243 9.63 -4.45 -18.01
N THR A 244 9.07 -4.32 -16.80
CA THR A 244 8.90 -3.02 -16.10
C THR A 244 10.25 -2.31 -15.95
N LYS A 245 11.25 -3.08 -15.54
CA LYS A 245 12.63 -2.57 -15.35
C LYS A 245 13.23 -2.22 -16.72
N LYS A 246 13.19 -3.10 -17.71
CA LYS A 246 13.87 -2.90 -19.01
C LYS A 246 13.23 -1.76 -19.79
N LEU A 247 11.91 -1.58 -19.71
CA LEU A 247 11.24 -0.50 -20.46
C LEU A 247 11.47 0.85 -19.77
N GLY A 248 11.91 0.86 -18.51
CA GLY A 248 12.01 2.09 -17.70
C GLY A 248 10.62 2.65 -17.42
N PHE A 249 9.62 1.79 -17.29
CA PHE A 249 8.25 2.20 -16.97
C PHE A 249 8.23 2.93 -15.63
N LYS A 250 7.59 4.09 -15.60
CA LYS A 250 7.70 4.99 -14.44
C LYS A 250 6.51 5.97 -14.52
N HIS A 251 6.07 6.48 -13.39
CA HIS A 251 4.99 7.47 -13.22
C HIS A 251 5.59 8.85 -13.08
N PRO A 252 4.89 9.93 -13.46
CA PRO A 252 3.58 9.84 -14.12
C PRO A 252 3.69 9.37 -15.58
N VAL A 253 2.72 8.59 -16.06
CA VAL A 253 2.64 8.12 -17.48
C VAL A 253 1.20 8.13 -17.88
N ILE A 254 1.01 8.39 -19.17
CA ILE A 254 -0.32 8.25 -19.83
C ILE A 254 -0.20 7.13 -20.87
N GLY A 255 -1.09 6.14 -20.72
CA GLY A 255 -1.31 5.04 -21.67
C GLY A 255 -2.04 5.48 -22.90
N VAL A 256 -1.50 5.16 -24.07
CA VAL A 256 -2.12 5.45 -25.39
C VAL A 256 -2.18 4.14 -26.17
N HIS A 257 -3.37 3.72 -26.54
CA HIS A 257 -3.55 2.51 -27.40
C HIS A 257 -4.02 2.97 -28.76
N VAL A 258 -3.20 2.80 -29.80
CA VAL A 258 -3.58 3.16 -31.18
C VAL A 258 -3.81 1.90 -32.02
N ARG A 259 -5.09 1.60 -32.27
CA ARG A 259 -5.54 0.39 -32.98
C ARG A 259 -5.73 0.74 -34.45
N ARG A 260 -4.95 0.11 -35.33
CA ARG A 260 -4.94 0.34 -36.80
C ARG A 260 -5.13 -1.04 -37.47
N THR A 261 -4.30 -1.45 -38.44
CA THR A 261 -4.43 -2.76 -39.17
C THR A 261 -5.91 -3.06 -39.49
N ASP A 262 -6.44 -4.23 -39.10
CA ASP A 262 -7.71 -4.80 -39.62
C ASP A 262 -8.94 -4.17 -38.94
N LYS A 263 -8.74 -3.35 -37.92
CA LYS A 263 -9.83 -2.61 -37.24
C LYS A 263 -10.41 -1.53 -38.17
N VAL A 264 -9.58 -0.86 -38.95
CA VAL A 264 -9.94 0.39 -39.68
C VAL A 264 -10.95 0.08 -40.81
N GLY A 265 -12.08 0.76 -40.85
CA GLY A 265 -13.11 0.55 -41.88
C GLY A 265 -14.06 -0.58 -41.56
N THR A 266 -13.67 -1.57 -40.74
CA THR A 266 -14.56 -2.68 -40.32
C THR A 266 -15.29 -2.28 -39.02
N GLU A 267 -14.57 -1.84 -37.98
CA GLU A 267 -15.13 -1.68 -36.61
C GLU A 267 -14.77 -0.31 -36.00
N ALA A 268 -13.94 0.50 -36.69
CA ALA A 268 -13.48 1.83 -36.21
C ALA A 268 -12.88 2.67 -37.35
N ALA A 269 -12.65 3.96 -37.13
CA ALA A 269 -11.90 4.84 -38.04
C ALA A 269 -10.40 4.76 -37.73
N PHE A 270 -9.59 5.21 -38.68
CA PHE A 270 -8.16 5.58 -38.50
C PHE A 270 -8.15 6.90 -37.74
N HIS A 271 -7.47 6.99 -36.59
CA HIS A 271 -7.29 8.29 -35.88
C HIS A 271 -5.82 8.68 -35.96
N PRO A 272 -5.49 9.91 -36.40
CA PRO A 272 -4.09 10.31 -36.46
C PRO A 272 -3.55 10.48 -35.02
N ILE A 273 -2.23 10.36 -34.88
CA ILE A 273 -1.52 10.44 -33.57
C ILE A 273 -1.91 11.75 -32.86
N GLU A 274 -2.12 12.83 -33.61
CA GLU A 274 -2.40 14.19 -33.05
C GLU A 274 -3.70 14.16 -32.24
N GLU A 275 -4.67 13.34 -32.65
CA GLU A 275 -5.98 13.33 -31.96
C GLU A 275 -5.84 12.70 -30.56
N TYR A 276 -5.04 11.63 -30.39
CA TYR A 276 -4.73 11.06 -29.07
C TYR A 276 -3.95 12.05 -28.21
N MET A 277 -2.93 12.69 -28.79
CA MET A 277 -1.92 13.50 -28.07
C MET A 277 -2.53 14.84 -27.57
N VAL A 278 -3.60 15.30 -28.17
CA VAL A 278 -4.31 16.51 -27.65
C VAL A 278 -4.84 16.20 -26.24
N HIS A 279 -5.38 15.01 -26.05
CA HIS A 279 -5.97 14.62 -24.75
C HIS A 279 -4.85 14.26 -23.76
N VAL A 280 -3.76 13.69 -24.24
CA VAL A 280 -2.57 13.40 -23.36
C VAL A 280 -2.06 14.75 -22.79
N GLU A 281 -1.90 15.74 -23.66
CA GLU A 281 -1.37 17.09 -23.28
C GLU A 281 -2.31 17.72 -22.26
N GLU A 282 -3.61 17.69 -22.55
CA GLU A 282 -4.61 18.31 -21.64
C GLU A 282 -4.49 17.66 -20.25
N HIS A 283 -4.40 16.31 -20.21
CA HIS A 283 -4.39 15.61 -18.91
C HIS A 283 -3.11 15.98 -18.16
N PHE A 284 -1.97 16.07 -18.84
CA PHE A 284 -0.70 16.45 -18.18
C PHE A 284 -0.83 17.88 -17.62
N GLN A 285 -1.52 18.78 -18.32
CA GLN A 285 -1.78 20.15 -17.81
C GLN A 285 -2.55 20.05 -16.50
N LEU A 286 -3.53 19.13 -16.43
CA LEU A 286 -4.30 18.96 -15.19
C LEU A 286 -3.43 18.38 -14.07
N LEU A 287 -2.65 17.32 -14.36
CA LEU A 287 -1.81 16.68 -13.32
C LEU A 287 -0.79 17.68 -12.79
N ALA A 288 -0.20 18.47 -13.66
CA ALA A 288 0.82 19.46 -13.26
C ALA A 288 0.25 20.45 -12.24
N ARG A 289 -1.05 20.61 -12.11
CA ARG A 289 -1.58 21.50 -11.06
C ARG A 289 -1.47 20.86 -9.68
N ARG A 290 -1.23 19.56 -9.54
CA ARG A 290 -1.19 18.95 -8.17
C ARG A 290 0.02 18.04 -7.96
N MET A 291 0.90 17.87 -8.93
CA MET A 291 2.12 17.05 -8.72
C MET A 291 3.20 17.54 -9.66
N GLN A 292 4.41 17.16 -9.33
CA GLN A 292 5.63 17.29 -10.14
C GLN A 292 5.51 16.43 -11.40
N VAL A 293 5.63 17.05 -12.55
CA VAL A 293 5.73 16.27 -13.80
C VAL A 293 7.21 16.36 -14.22
N ASP A 294 8.01 15.30 -13.98
CA ASP A 294 9.47 15.26 -14.33
C ASP A 294 9.57 15.47 -15.85
N LYS A 295 8.86 14.64 -16.57
CA LYS A 295 8.92 14.52 -18.04
C LYS A 295 7.51 14.09 -18.43
N LYS A 296 7.01 14.53 -19.55
CA LYS A 296 5.71 14.03 -20.03
C LYS A 296 5.98 12.66 -20.67
N ARG A 297 5.41 11.62 -20.10
CA ARG A 297 5.74 10.22 -20.48
C ARG A 297 4.48 9.56 -21.01
N VAL A 298 4.61 8.83 -22.12
CA VAL A 298 3.50 8.06 -22.74
C VAL A 298 3.97 6.60 -22.91
N TYR A 299 3.13 5.67 -22.44
CA TYR A 299 3.25 4.25 -22.80
C TYR A 299 2.43 4.05 -24.07
N LEU A 300 3.10 3.75 -25.19
CA LEU A 300 2.41 3.61 -26.49
C LEU A 300 2.27 2.12 -26.80
N ALA A 301 1.02 1.66 -26.91
CA ALA A 301 0.65 0.31 -27.36
C ALA A 301 0.00 0.47 -28.73
N THR A 302 0.48 -0.24 -29.74
CA THR A 302 -0.06 -0.13 -31.11
C THR A 302 0.23 -1.40 -31.87
N ASP A 303 -0.62 -1.71 -32.87
CA ASP A 303 -0.36 -2.75 -33.89
C ASP A 303 0.21 -2.13 -35.18
N ASP A 304 0.63 -0.87 -35.17
CA ASP A 304 1.33 -0.21 -36.30
C ASP A 304 2.77 0.05 -35.89
N PRO A 305 3.72 -0.80 -36.32
CA PRO A 305 5.10 -0.65 -35.90
C PRO A 305 5.82 0.61 -36.43
N SER A 306 5.24 1.34 -37.38
CA SER A 306 5.81 2.62 -37.86
C SER A 306 5.36 3.79 -36.99
N LEU A 307 4.41 3.60 -36.08
CA LEU A 307 3.86 4.77 -35.31
C LEU A 307 4.92 5.34 -34.35
N LEU A 308 5.70 4.49 -33.70
CA LEU A 308 6.59 4.93 -32.60
C LEU A 308 7.55 6.00 -33.12
N LYS A 309 8.17 5.74 -34.27
CA LYS A 309 9.10 6.68 -34.96
C LYS A 309 8.37 8.02 -35.23
N GLU A 310 7.16 7.95 -35.74
CA GLU A 310 6.29 9.13 -36.05
C GLU A 310 6.09 9.93 -34.75
N ALA A 311 5.67 9.26 -33.68
CA ALA A 311 5.33 9.93 -32.41
C ALA A 311 6.55 10.65 -31.82
N LYS A 312 7.70 10.01 -31.83
CA LYS A 312 8.96 10.56 -31.29
C LYS A 312 9.39 11.75 -32.13
N THR A 313 9.20 11.67 -33.44
CA THR A 313 9.56 12.75 -34.38
C THR A 313 8.65 13.95 -34.13
N LYS A 314 7.32 13.75 -34.03
CA LYS A 314 6.37 14.88 -33.91
C LYS A 314 6.35 15.42 -32.49
N TYR A 315 6.67 14.62 -31.46
CA TYR A 315 6.60 15.06 -30.03
C TYR A 315 7.95 14.85 -29.34
N PRO A 316 9.00 15.63 -29.69
CA PRO A 316 10.32 15.45 -29.10
C PRO A 316 10.37 15.89 -27.63
N ASN A 317 9.41 16.65 -27.14
CA ASN A 317 9.25 17.00 -25.68
C ASN A 317 8.74 15.82 -24.84
N TYR A 318 8.34 14.69 -25.44
CA TYR A 318 7.72 13.55 -24.74
C TYR A 318 8.69 12.37 -24.70
N GLU A 319 8.67 11.64 -23.59
CA GLU A 319 9.31 10.31 -23.46
C GLU A 319 8.27 9.25 -23.84
N PHE A 320 8.49 8.54 -24.92
CA PHE A 320 7.66 7.37 -25.33
C PHE A 320 8.31 6.07 -24.86
N ILE A 321 7.56 5.31 -24.07
CA ILE A 321 7.90 3.96 -23.59
C ILE A 321 7.07 3.01 -24.44
N SER A 322 7.72 2.11 -25.13
CA SER A 322 7.06 1.22 -26.10
C SER A 322 7.98 0.06 -26.40
N ASP A 323 7.43 -1.10 -26.70
CA ASP A 323 8.23 -2.24 -27.27
C ASP A 323 7.79 -2.40 -28.72
N ASN A 324 8.61 -1.91 -29.63
CA ASN A 324 8.34 -1.89 -31.09
C ASN A 324 8.30 -3.32 -31.65
N SER A 325 8.98 -4.29 -31.01
CA SER A 325 8.91 -5.72 -31.43
C SER A 325 7.55 -6.31 -31.06
N ILE A 326 6.95 -5.86 -29.95
CA ILE A 326 5.56 -6.23 -29.59
C ILE A 326 4.65 -5.69 -30.70
N SER A 327 4.83 -4.44 -31.09
CA SER A 327 4.00 -3.85 -32.18
C SER A 327 4.12 -4.75 -33.43
N TRP A 328 5.33 -5.15 -33.81
CA TRP A 328 5.60 -6.02 -35.00
C TRP A 328 4.87 -7.33 -34.79
N SER A 329 5.02 -7.92 -33.60
CA SER A 329 4.46 -9.26 -33.27
C SER A 329 2.93 -9.27 -33.48
N ALA A 330 2.26 -8.09 -33.51
CA ALA A 330 0.79 -7.98 -33.50
C ALA A 330 0.23 -7.94 -34.92
N GLY A 331 1.10 -7.88 -35.94
CA GLY A 331 0.64 -7.87 -37.35
C GLY A 331 -0.03 -9.19 -37.69
N LEU A 332 -0.81 -9.18 -38.77
CA LEU A 332 -1.73 -10.29 -39.12
C LEU A 332 -0.90 -11.55 -39.45
N HIS A 333 0.31 -11.38 -39.99
CA HIS A 333 1.31 -12.47 -40.21
C HIS A 333 1.62 -13.27 -38.94
N ASN A 334 1.58 -12.68 -37.74
CA ASN A 334 2.18 -13.30 -36.52
C ASN A 334 1.22 -13.27 -35.32
N ARG A 335 0.01 -12.71 -35.47
CA ARG A 335 -0.87 -12.31 -34.34
C ARG A 335 -1.27 -13.52 -33.48
N TYR A 336 -1.60 -14.65 -34.09
CA TYR A 336 -2.14 -15.85 -33.36
C TYR A 336 -0.98 -16.79 -33.01
N THR A 337 -0.06 -16.36 -32.13
CA THR A 337 1.12 -17.13 -31.64
C THR A 337 1.31 -16.87 -30.14
N GLU A 338 2.10 -17.69 -29.45
CA GLU A 338 2.38 -17.46 -28.02
C GLU A 338 3.20 -16.16 -27.86
N ASN A 339 4.06 -15.85 -28.83
CA ASN A 339 4.93 -14.65 -28.84
C ASN A 339 4.02 -13.39 -28.84
N SER A 340 3.02 -13.39 -29.71
CA SER A 340 2.08 -12.23 -29.83
C SER A 340 1.16 -12.20 -28.60
N LEU A 341 0.79 -13.36 -28.05
CA LEU A 341 -0.02 -13.45 -26.81
C LEU A 341 0.72 -12.74 -25.66
N ARG A 342 2.00 -13.07 -25.43
CA ARG A 342 2.79 -12.40 -24.37
C ARG A 342 2.85 -10.90 -24.65
N GLY A 343 2.97 -10.50 -25.93
CA GLY A 343 2.99 -9.09 -26.32
C GLY A 343 1.69 -8.37 -25.92
N VAL A 344 0.50 -8.86 -26.29
CA VAL A 344 -0.78 -8.17 -25.96
C VAL A 344 -0.94 -8.12 -24.44
N ILE A 345 -0.63 -9.23 -23.74
CA ILE A 345 -0.75 -9.25 -22.25
C ILE A 345 0.12 -8.12 -21.63
N LEU A 346 1.38 -7.99 -22.04
CA LEU A 346 2.29 -6.92 -21.56
C LEU A 346 1.72 -5.54 -21.96
N ASP A 347 1.28 -5.33 -23.21
CA ASP A 347 0.74 -4.00 -23.60
C ASP A 347 -0.48 -3.67 -22.72
N ILE A 348 -1.39 -4.62 -22.55
CA ILE A 348 -2.58 -4.41 -21.69
C ILE A 348 -2.15 -4.11 -20.26
N HIS A 349 -1.18 -4.85 -19.73
CA HIS A 349 -0.69 -4.63 -18.36
C HIS A 349 -0.22 -3.16 -18.21
N PHE A 350 0.65 -2.69 -19.09
CA PHE A 350 1.26 -1.34 -18.94
C PHE A 350 0.19 -0.27 -19.17
N LEU A 351 -0.70 -0.47 -20.14
CA LEU A 351 -1.84 0.46 -20.29
C LEU A 351 -2.59 0.55 -18.96
N SER A 352 -2.90 -0.58 -18.35
CA SER A 352 -3.80 -0.65 -17.17
C SER A 352 -3.11 -0.02 -15.95
N GLN A 353 -1.78 0.09 -15.97
CA GLN A 353 -0.97 0.62 -14.85
C GLN A 353 -0.75 2.12 -14.97
N ALA A 354 -1.17 2.73 -16.06
CA ALA A 354 -0.91 4.15 -16.33
C ALA A 354 -1.80 5.06 -15.44
N ASP A 355 -1.49 6.35 -15.38
CA ASP A 355 -2.25 7.36 -14.60
C ASP A 355 -3.55 7.70 -15.30
N PHE A 356 -3.60 7.49 -16.61
CA PHE A 356 -4.72 7.86 -17.47
C PHE A 356 -4.57 7.08 -18.77
N LEU A 357 -5.68 6.85 -19.46
CA LEU A 357 -5.72 5.98 -20.65
C LEU A 357 -6.39 6.75 -21.77
N VAL A 358 -5.69 6.94 -22.88
CA VAL A 358 -6.27 7.55 -24.11
C VAL A 358 -6.27 6.51 -25.21
N CYS A 359 -7.46 6.21 -25.72
CA CYS A 359 -7.59 5.14 -26.74
C CYS A 359 -8.96 5.22 -27.43
N THR A 360 -9.30 4.18 -28.15
CA THR A 360 -10.65 3.94 -28.72
C THR A 360 -11.31 2.79 -27.97
N PHE A 361 -12.39 3.05 -27.25
CA PHE A 361 -13.14 1.99 -26.54
C PHE A 361 -13.86 1.09 -27.55
N SER A 362 -13.85 1.37 -28.86
CA SER A 362 -14.28 0.37 -29.89
C SER A 362 -13.36 -0.84 -29.83
N SER A 363 -12.14 -0.68 -29.32
CA SER A 363 -11.14 -1.78 -29.23
C SER A 363 -11.32 -2.57 -27.94
N GLN A 364 -11.42 -3.90 -28.06
CA GLN A 364 -11.53 -4.78 -26.88
C GLN A 364 -10.25 -4.62 -26.04
N VAL A 365 -9.09 -4.37 -26.64
CA VAL A 365 -7.78 -4.27 -25.93
C VAL A 365 -7.87 -3.11 -24.92
N CYS A 366 -8.28 -1.93 -25.39
CA CYS A 366 -8.39 -0.74 -24.50
C CYS A 366 -9.41 -1.02 -23.39
N ARG A 367 -10.54 -1.64 -23.73
CA ARG A 367 -11.57 -1.92 -22.70
C ARG A 367 -11.03 -2.87 -21.63
N VAL A 368 -10.28 -3.93 -21.98
CA VAL A 368 -9.66 -4.81 -20.96
C VAL A 368 -8.72 -3.99 -20.07
N ALA A 369 -7.86 -3.16 -20.65
CA ALA A 369 -6.92 -2.33 -19.86
C ALA A 369 -7.69 -1.45 -18.89
N TYR A 370 -8.81 -0.87 -19.33
CA TYR A 370 -9.63 0.03 -18.47
C TYR A 370 -10.26 -0.79 -17.34
N GLU A 371 -10.74 -2.01 -17.64
CA GLU A 371 -11.31 -2.89 -16.61
C GLU A 371 -10.21 -3.25 -15.61
N ILE A 372 -9.03 -3.63 -16.07
CA ILE A 372 -7.95 -3.99 -15.11
C ILE A 372 -7.65 -2.75 -14.25
N MET A 373 -7.55 -1.59 -14.87
CA MET A 373 -7.28 -0.31 -14.14
CA MET A 373 -7.28 -0.32 -14.14
C MET A 373 -8.23 -0.18 -12.92
N GLN A 374 -9.49 -0.58 -13.06
CA GLN A 374 -10.46 -0.50 -11.95
C GLN A 374 -10.02 -1.30 -10.75
N THR A 375 -9.20 -2.37 -10.92
CA THR A 375 -8.79 -3.24 -9.82
C THR A 375 -7.62 -2.60 -9.09
N LEU A 376 -6.97 -1.57 -9.63
CA LEU A 376 -5.72 -1.03 -9.08
C LEU A 376 -5.98 0.25 -8.25
N HIS A 377 -7.19 0.81 -8.23
CA HIS A 377 -7.46 2.14 -7.59
C HIS A 377 -8.80 2.04 -6.92
N PRO A 378 -9.11 2.89 -5.94
CA PRO A 378 -10.45 2.85 -5.35
C PRO A 378 -11.50 3.17 -6.42
N ASP A 379 -11.26 4.16 -7.25
CA ASP A 379 -12.24 4.57 -8.30
C ASP A 379 -11.51 5.20 -9.47
N ALA A 380 -11.15 4.39 -10.45
CA ALA A 380 -10.51 4.90 -11.68
C ALA A 380 -11.54 5.04 -12.81
N SER A 381 -12.85 5.09 -12.52
CA SER A 381 -13.93 5.10 -13.55
C SER A 381 -13.71 6.23 -14.56
N ALA A 382 -13.21 7.38 -14.08
CA ALA A 382 -13.06 8.60 -14.92
C ALA A 382 -11.65 8.73 -15.55
N ASN A 383 -10.76 7.75 -15.35
CA ASN A 383 -9.35 7.86 -15.78
C ASN A 383 -9.13 7.54 -17.24
N PHE A 384 -10.03 7.89 -18.13
CA PHE A 384 -9.87 7.58 -19.57
C PHE A 384 -10.41 8.71 -20.42
N HIS A 385 -9.98 8.73 -21.68
CA HIS A 385 -10.69 9.46 -22.75
C HIS A 385 -10.74 8.54 -23.95
N SER A 386 -11.94 8.25 -24.43
CA SER A 386 -12.18 7.47 -25.65
C SER A 386 -12.36 8.42 -26.82
N LEU A 387 -11.70 8.17 -27.93
CA LEU A 387 -11.96 8.94 -29.16
C LEU A 387 -13.28 8.46 -29.78
N ASP A 388 -13.82 7.30 -29.44
CA ASP A 388 -15.10 6.89 -30.10
C ASP A 388 -16.12 6.55 -29.02
N ASP A 389 -16.27 5.26 -28.69
CA ASP A 389 -17.41 4.76 -27.91
C ASP A 389 -17.24 5.12 -26.45
N ILE A 390 -18.37 5.10 -25.74
CA ILE A 390 -18.40 4.99 -24.27
C ILE A 390 -18.04 3.55 -23.89
N TYR A 391 -17.82 3.30 -22.60
CA TYR A 391 -17.56 1.96 -22.10
C TYR A 391 -18.78 1.10 -22.48
N TYR A 392 -18.54 -0.09 -23.02
CA TYR A 392 -19.61 -1.09 -23.18
C TYR A 392 -18.96 -2.47 -22.95
N PHE A 393 -19.82 -3.44 -22.71
CA PHE A 393 -19.48 -4.89 -22.63
C PHE A 393 -20.34 -5.58 -23.70
N GLY A 394 -19.69 -6.12 -24.71
CA GLY A 394 -20.41 -6.78 -25.83
C GLY A 394 -21.33 -7.86 -25.32
N GLY A 395 -22.60 -7.81 -25.71
CA GLY A 395 -23.64 -8.72 -25.22
C GLY A 395 -24.45 -8.13 -24.08
N GLN A 396 -24.04 -6.93 -23.56
CA GLN A 396 -24.73 -6.25 -22.42
C GLN A 396 -26.24 -6.00 -22.72
N ASN A 397 -27.01 -6.02 -21.64
CA ASN A 397 -28.41 -5.49 -21.63
C ASN A 397 -28.39 -3.98 -21.99
N ALA A 398 -29.52 -3.48 -22.43
CA ALA A 398 -29.67 -2.08 -22.87
C ALA A 398 -29.08 -1.13 -21.79
N HIS A 399 -28.19 -0.27 -22.26
CA HIS A 399 -27.61 0.82 -21.43
C HIS A 399 -28.61 2.00 -21.40
N ASN A 400 -29.33 2.16 -20.29
CA ASN A 400 -30.32 3.25 -20.14
C ASN A 400 -29.81 4.37 -19.24
N GLN A 401 -30.24 5.58 -19.58
CA GLN A 401 -30.14 6.78 -18.73
C GLN A 401 -31.55 7.33 -18.49
N ILE A 402 -31.67 8.26 -17.56
CA ILE A 402 -32.95 8.88 -17.19
C ILE A 402 -32.75 10.37 -17.39
N ALA A 403 -33.61 10.99 -18.18
CA ALA A 403 -33.63 12.47 -18.33
C ALA A 403 -33.90 13.08 -16.95
N ILE A 404 -33.04 14.00 -16.51
CA ILE A 404 -33.27 14.76 -15.24
C ILE A 404 -33.75 16.16 -15.57
N TYR A 405 -33.40 16.78 -16.70
CA TYR A 405 -33.94 18.11 -17.08
C TYR A 405 -34.58 18.03 -18.44
N ALA A 406 -35.56 18.90 -18.70
CA ALA A 406 -36.28 19.03 -19.99
C ALA A 406 -35.32 19.49 -21.09
N HIS A 407 -35.51 18.96 -22.30
CA HIS A 407 -34.84 19.44 -23.53
C HIS A 407 -35.85 19.74 -24.64
N GLN A 408 -35.81 20.99 -25.13
CA GLN A 408 -36.59 21.46 -26.30
C GLN A 408 -35.61 21.47 -27.47
N PRO A 409 -35.80 20.64 -28.50
CA PRO A 409 -34.83 20.56 -29.59
C PRO A 409 -34.70 21.87 -30.39
N ARG A 410 -33.48 22.28 -30.70
CA ARG A 410 -33.20 23.48 -31.51
C ARG A 410 -33.13 23.09 -33.00
N THR A 411 -32.71 21.86 -33.33
CA THR A 411 -32.69 21.34 -34.72
C THR A 411 -33.42 20.00 -34.77
N ALA A 412 -33.67 19.50 -35.96
CA ALA A 412 -34.37 18.21 -36.17
C ALA A 412 -33.42 17.06 -35.77
N ASP A 413 -32.12 17.31 -35.71
CA ASP A 413 -31.10 16.31 -35.28
C ASP A 413 -31.15 16.05 -33.77
N GLU A 414 -31.85 16.87 -32.99
CA GLU A 414 -31.98 16.73 -31.52
C GLU A 414 -33.27 16.00 -31.13
N ILE A 415 -33.31 15.34 -29.98
CA ILE A 415 -34.52 14.68 -29.47
C ILE A 415 -35.09 15.54 -28.36
N PRO A 416 -36.43 15.54 -28.16
CA PRO A 416 -37.02 16.08 -26.95
C PRO A 416 -36.84 15.13 -25.77
N MET A 417 -36.85 15.69 -24.57
CA MET A 417 -36.88 14.91 -23.32
C MET A 417 -37.70 15.69 -22.31
N GLU A 418 -38.42 14.96 -21.47
CA GLU A 418 -38.99 15.45 -20.19
C GLU A 418 -38.32 14.64 -19.08
N PRO A 419 -38.21 15.19 -17.86
CA PRO A 419 -37.66 14.44 -16.72
C PRO A 419 -38.40 13.12 -16.53
N GLY A 420 -37.66 12.03 -16.34
CA GLY A 420 -38.25 10.71 -16.12
C GLY A 420 -38.11 9.85 -17.35
N ASP A 421 -37.96 10.45 -18.54
CA ASP A 421 -37.88 9.72 -19.82
C ASP A 421 -36.66 8.79 -19.80
N ILE A 422 -36.83 7.58 -20.28
CA ILE A 422 -35.73 6.61 -20.41
C ILE A 422 -35.08 6.81 -21.77
N ILE A 423 -33.77 7.03 -21.73
CA ILE A 423 -32.93 7.29 -22.92
C ILE A 423 -32.02 6.06 -23.07
N GLY A 424 -32.04 5.43 -24.24
CA GLY A 424 -31.06 4.39 -24.55
C GLY A 424 -29.86 5.03 -25.19
N VAL A 425 -28.71 5.09 -24.52
CA VAL A 425 -27.56 5.87 -25.04
C VAL A 425 -26.81 5.10 -26.11
N ALA A 426 -26.46 5.74 -27.24
CA ALA A 426 -25.63 5.15 -28.32
C ALA A 426 -24.19 5.65 -28.15
N GLY A 427 -23.99 6.84 -27.60
CA GLY A 427 -22.63 7.34 -27.33
C GLY A 427 -22.61 8.80 -26.94
N ASN A 428 -21.42 9.25 -26.51
CA ASN A 428 -21.10 10.62 -26.08
C ASN A 428 -20.22 11.18 -27.19
N HIS A 429 -20.61 12.30 -27.82
CA HIS A 429 -19.81 12.93 -28.90
C HIS A 429 -18.68 13.78 -28.32
N TRP A 430 -18.54 13.87 -27.02
CA TRP A 430 -17.38 14.54 -26.33
C TRP A 430 -17.38 16.04 -26.72
N ASP A 431 -18.57 16.61 -26.95
CA ASP A 431 -18.74 18.02 -27.38
C ASP A 431 -19.91 18.67 -26.63
N GLY A 432 -20.36 18.05 -25.53
CA GLY A 432 -21.54 18.47 -24.78
C GLY A 432 -22.80 17.72 -25.17
N TYR A 433 -22.75 16.98 -26.29
CA TYR A 433 -23.93 16.22 -26.75
C TYR A 433 -23.61 14.73 -26.75
N SER A 434 -24.62 13.95 -26.41
CA SER A 434 -24.71 12.49 -26.59
C SER A 434 -25.78 12.19 -27.63
N LYS A 435 -25.77 10.97 -28.15
CA LYS A 435 -26.75 10.45 -29.11
C LYS A 435 -27.44 9.25 -28.47
N GLY A 436 -28.74 9.13 -28.63
CA GLY A 436 -29.50 7.98 -28.12
C GLY A 436 -30.92 8.01 -28.60
N VAL A 437 -31.74 7.14 -28.02
CA VAL A 437 -33.15 6.94 -28.37
C VAL A 437 -33.93 7.37 -27.17
N ASN A 438 -34.87 8.33 -27.36
CA ASN A 438 -35.91 8.57 -26.34
C ASN A 438 -36.86 7.41 -26.51
N ARG A 439 -36.81 6.45 -25.59
CA ARG A 439 -37.57 5.18 -25.74
C ARG A 439 -39.02 5.44 -26.12
N LYS A 440 -39.71 6.28 -25.34
CA LYS A 440 -41.14 6.64 -25.52
C LYS A 440 -41.48 7.08 -26.94
N LEU A 441 -40.56 7.67 -27.67
CA LEU A 441 -40.86 8.25 -29.00
C LEU A 441 -40.31 7.33 -30.08
N GLY A 442 -39.33 6.52 -29.74
CA GLY A 442 -38.54 5.87 -30.79
C GLY A 442 -37.89 6.89 -31.69
N ARG A 443 -37.53 8.07 -31.17
CA ARG A 443 -36.70 9.04 -31.90
C ARG A 443 -35.24 8.99 -31.37
N THR A 444 -34.32 8.86 -32.34
CA THR A 444 -32.87 8.88 -32.20
C THR A 444 -32.37 10.25 -32.62
N GLY A 445 -31.47 10.78 -31.80
CA GLY A 445 -30.82 12.07 -32.08
C GLY A 445 -30.01 12.52 -30.88
N LEU A 446 -29.62 13.79 -30.93
CA LEU A 446 -28.66 14.41 -30.00
C LEU A 446 -29.39 14.99 -28.80
N TYR A 447 -28.75 15.00 -27.65
CA TYR A 447 -29.26 15.63 -26.42
C TYR A 447 -28.06 16.10 -25.60
N PRO A 448 -28.21 17.18 -24.81
CA PRO A 448 -27.11 17.61 -23.96
C PRO A 448 -26.81 16.54 -22.89
N SER A 449 -25.54 16.14 -22.82
CA SER A 449 -25.03 15.06 -21.96
C SER A 449 -25.35 15.37 -20.49
N TYR A 450 -25.38 16.65 -20.10
CA TYR A 450 -25.55 17.02 -18.67
C TYR A 450 -27.00 16.77 -18.22
N LYS A 451 -27.94 16.60 -19.16
CA LYS A 451 -29.40 16.57 -18.81
C LYS A 451 -29.88 15.14 -18.53
N VAL A 452 -28.99 14.17 -18.39
CA VAL A 452 -29.35 12.78 -18.02
C VAL A 452 -28.48 12.28 -16.87
N ARG A 453 -28.96 11.24 -16.25
CA ARG A 453 -28.32 10.49 -15.16
C ARG A 453 -28.26 9.02 -15.57
N GLU A 454 -27.29 8.26 -15.05
CA GLU A 454 -27.14 6.81 -15.31
C GLU A 454 -28.21 6.04 -14.51
N LYS A 455 -28.91 5.12 -15.14
CA LYS A 455 -29.87 4.21 -14.46
C LYS A 455 -29.08 2.95 -14.04
N ILE A 456 -28.71 2.81 -12.76
CA ILE A 456 -28.01 1.60 -12.24
C ILE A 456 -29.03 0.45 -12.23
N GLU A 457 -28.75 -0.66 -12.89
CA GLU A 457 -29.66 -1.83 -12.79
C GLU A 457 -29.09 -2.80 -11.75
N THR A 458 -29.94 -3.36 -10.91
CA THR A 458 -29.53 -4.40 -9.93
C THR A 458 -30.24 -5.70 -10.25
N VAL A 459 -29.60 -6.80 -9.89
CA VAL A 459 -30.06 -8.18 -10.14
C VAL A 459 -29.81 -8.95 -8.85
N LYS A 460 -30.75 -9.81 -8.48
CA LYS A 460 -30.64 -10.65 -7.27
C LYS A 460 -29.67 -11.79 -7.60
N TYR A 461 -28.40 -11.64 -7.24
CA TYR A 461 -27.39 -12.69 -7.36
C TYR A 461 -27.28 -13.45 -6.06
N PRO A 462 -26.77 -14.72 -6.09
CA PRO A 462 -26.40 -15.42 -4.86
C PRO A 462 -25.31 -14.64 -4.13
N THR A 463 -25.25 -14.75 -2.81
CA THR A 463 -24.33 -13.96 -1.94
C THR A 463 -23.28 -14.86 -1.31
N TYR A 464 -23.37 -16.19 -1.47
CA TYR A 464 -22.31 -17.15 -1.04
C TYR A 464 -21.92 -16.84 0.40
N PRO A 465 -22.87 -16.83 1.36
CA PRO A 465 -22.55 -16.53 2.76
C PRO A 465 -21.59 -17.55 3.40
N GLU A 466 -21.58 -18.80 2.94
CA GLU A 466 -20.64 -19.82 3.50
C GLU A 466 -19.21 -19.49 3.07
N ALA A 467 -18.99 -18.54 2.15
CA ALA A 467 -17.61 -18.12 1.80
C ALA A 467 -16.96 -17.38 2.98
N GLU A 468 -17.71 -17.03 4.03
CA GLU A 468 -17.19 -16.26 5.19
C GLU A 468 -16.85 -17.23 6.34
N LEU B 1 7.74 33.12 21.45
CA LEU B 1 8.82 32.14 21.36
C LEU B 1 9.88 32.35 22.47
N GLY B 2 10.70 31.33 22.67
CA GLY B 2 11.85 31.47 23.57
C GLY B 2 13.03 31.97 22.77
N LYS B 3 13.76 32.82 23.45
CA LYS B 3 15.03 33.33 22.93
C LYS B 3 15.99 32.19 22.63
N ASP B 4 16.18 31.25 23.56
CA ASP B 4 17.17 30.14 23.36
C ASP B 4 16.76 29.30 22.15
N HIS B 5 15.47 29.07 21.96
CA HIS B 5 14.97 28.32 20.79
C HIS B 5 15.39 28.97 19.48
N GLU B 6 15.23 30.30 19.37
CA GLU B 6 15.54 31.07 18.15
C GLU B 6 17.05 31.04 17.94
N ILE B 7 17.85 31.24 18.98
CA ILE B 7 19.34 31.22 18.87
C ILE B 7 19.75 29.86 18.32
N LEU B 8 19.17 28.79 18.87
CA LEU B 8 19.62 27.42 18.50
C LEU B 8 19.18 27.12 17.07
N ARG B 9 17.94 27.47 16.70
CA ARG B 9 17.51 27.30 15.31
C ARG B 9 18.51 27.96 14.36
N ARG B 10 18.86 29.23 14.61
CA ARG B 10 19.78 29.92 13.67
C ARG B 10 21.19 29.32 13.74
N ARG B 11 21.63 28.92 14.91
CA ARG B 11 22.98 28.28 15.04
C ARG B 11 23.02 26.93 14.25
N ILE B 12 21.90 26.21 14.21
CA ILE B 12 21.82 24.96 13.40
C ILE B 12 21.92 25.33 11.94
N GLU B 13 21.15 26.33 11.53
CA GLU B 13 21.11 26.80 10.13
C GLU B 13 22.51 27.30 9.73
N ASN B 14 23.15 28.12 10.58
CA ASN B 14 24.48 28.67 10.23
C ASN B 14 25.53 27.55 10.25
N GLY B 15 25.39 26.59 11.19
CA GLY B 15 26.27 25.41 11.22
C GLY B 15 26.18 24.63 9.93
N ALA B 16 24.97 24.42 9.41
CA ALA B 16 24.73 23.65 8.16
C ALA B 16 25.32 24.43 6.98
N LYS B 17 25.10 25.74 6.92
CA LYS B 17 25.59 26.56 5.80
C LYS B 17 27.13 26.51 5.80
N GLU B 18 27.73 26.66 6.94
CA GLU B 18 29.21 26.62 7.04
C GLU B 18 29.71 25.21 6.68
N LEU B 19 28.94 24.16 7.00
CA LEU B 19 29.34 22.78 6.57
C LEU B 19 29.34 22.71 5.03
N TRP B 20 28.36 23.35 4.41
CA TRP B 20 28.26 23.38 2.93
C TRP B 20 29.44 24.16 2.33
N PHE B 21 29.80 25.34 2.90
CA PHE B 21 30.97 26.11 2.38
C PHE B 21 32.21 25.21 2.45
N PHE B 22 32.42 24.56 3.58
CA PHE B 22 33.59 23.70 3.88
C PHE B 22 33.60 22.53 2.90
N LEU B 23 32.46 21.84 2.74
CA LEU B 23 32.39 20.67 1.81
C LEU B 23 32.78 21.09 0.40
N GLN B 24 32.18 22.14 -0.15
CA GLN B 24 32.46 22.46 -1.59
C GLN B 24 33.90 22.96 -1.73
N SER B 25 34.45 23.67 -0.76
CA SER B 25 35.86 24.11 -0.85
C SER B 25 36.78 22.87 -0.84
N GLU B 26 36.66 22.01 0.17
CA GLU B 26 37.61 20.88 0.38
C GLU B 26 37.47 19.82 -0.72
N LEU B 27 36.28 19.63 -1.28
CA LEU B 27 36.07 18.63 -2.36
C LEU B 27 36.67 19.17 -3.66
N LYS B 28 36.60 20.48 -3.93
CA LYS B 28 37.32 21.07 -5.10
C LYS B 28 38.85 20.86 -4.92
N LYS B 29 39.40 20.99 -3.71
CA LYS B 29 40.83 20.66 -3.46
C LYS B 29 41.12 19.15 -3.65
N LEU B 30 40.26 18.25 -3.17
CA LEU B 30 40.52 16.78 -3.29
C LEU B 30 40.71 16.40 -4.76
N LYS B 31 39.90 17.00 -5.64
CA LYS B 31 39.93 16.73 -7.09
C LYS B 31 41.34 16.96 -7.66
N ASN B 32 42.18 17.78 -7.03
CA ASN B 32 43.55 18.10 -7.53
C ASN B 32 44.62 17.21 -6.90
N LEU B 33 44.28 16.12 -6.21
CA LEU B 33 45.28 15.32 -5.48
C LEU B 33 45.26 13.87 -5.98
N GLU B 34 46.32 13.13 -5.70
CA GLU B 34 46.46 11.70 -6.13
C GLU B 34 47.27 10.94 -5.07
N GLY B 35 47.16 9.61 -5.10
CA GLY B 35 47.97 8.69 -4.28
C GLY B 35 47.92 9.08 -2.82
N ASN B 36 49.07 9.36 -2.23
CA ASN B 36 49.27 9.54 -0.77
C ASN B 36 48.65 10.84 -0.30
N GLU B 37 48.89 11.91 -1.03
CA GLU B 37 48.33 13.25 -0.72
C GLU B 37 46.79 13.16 -0.68
N LEU B 38 46.17 12.44 -1.62
CA LEU B 38 44.70 12.21 -1.64
C LEU B 38 44.26 11.46 -0.38
N GLN B 39 44.97 10.37 0.03
CA GLN B 39 44.60 9.57 1.24
C GLN B 39 44.64 10.48 2.46
N ARG B 40 45.75 11.20 2.66
CA ARG B 40 46.00 12.05 3.83
C ARG B 40 44.94 13.16 3.88
N HIS B 41 44.65 13.80 2.75
CA HIS B 41 43.69 14.94 2.71
C HIS B 41 42.30 14.44 3.09
N ALA B 42 41.85 13.33 2.48
CA ALA B 42 40.52 12.73 2.72
C ALA B 42 40.37 12.34 4.20
N ASP B 43 41.43 11.79 4.80
CA ASP B 43 41.42 11.39 6.23
C ASP B 43 41.29 12.66 7.12
N GLU B 44 42.04 13.72 6.88
CA GLU B 44 41.99 14.93 7.74
C GLU B 44 40.60 15.56 7.58
N PHE B 45 40.11 15.61 6.35
CA PHE B 45 38.76 16.12 6.00
C PHE B 45 37.69 15.37 6.80
N LEU B 46 37.73 14.04 6.81
CA LEU B 46 36.73 13.22 7.54
C LEU B 46 36.75 13.56 9.03
N LEU B 47 37.96 13.66 9.59
CA LEU B 47 38.10 14.00 11.02
C LEU B 47 37.42 15.36 11.33
N ASP B 48 37.66 16.36 10.51
CA ASP B 48 37.10 17.73 10.69
C ASP B 48 35.58 17.67 10.50
N LEU B 49 35.11 16.92 9.50
CA LEU B 49 33.64 16.78 9.27
C LEU B 49 32.98 16.14 10.49
N GLY B 50 33.59 15.12 11.07
CA GLY B 50 33.03 14.50 12.28
C GLY B 50 32.75 15.50 13.38
N HIS B 51 33.71 16.33 13.70
CA HIS B 51 33.55 17.34 14.79
C HIS B 51 32.46 18.36 14.46
N HIS B 52 32.41 18.76 13.21
CA HIS B 52 31.42 19.75 12.71
C HIS B 52 30.01 19.17 12.80
N GLU B 53 29.85 17.95 12.27
CA GLU B 53 28.59 17.19 12.35
C GLU B 53 28.17 17.03 13.82
N ARG B 54 29.07 16.74 14.75
CA ARG B 54 28.66 16.60 16.18
C ARG B 54 28.27 17.96 16.81
N SER B 55 28.81 19.08 16.37
CA SER B 55 28.35 20.41 16.90
C SER B 55 26.89 20.64 16.45
N ILE B 56 26.56 20.29 15.21
CA ILE B 56 25.17 20.43 14.71
C ILE B 56 24.21 19.50 15.49
N MET B 57 24.62 18.28 15.79
CA MET B 57 23.79 17.32 16.55
C MET B 57 23.62 17.78 18.01
N THR B 58 24.65 18.36 18.61
CA THR B 58 24.58 18.91 19.99
C THR B 58 23.55 20.05 20.01
N ASP B 59 23.60 20.92 19.03
CA ASP B 59 22.64 22.06 18.95
C ASP B 59 21.21 21.51 18.77
N LEU B 60 21.04 20.49 17.94
CA LEU B 60 19.70 19.85 17.76
C LEU B 60 19.23 19.21 19.06
N TYR B 61 20.11 18.60 19.84
CA TYR B 61 19.75 18.07 21.18
C TYR B 61 19.28 19.23 22.07
N TYR B 62 20.06 20.32 22.17
CA TYR B 62 19.60 21.48 22.99
C TYR B 62 18.27 22.02 22.50
N LEU B 63 18.09 22.09 21.18
CA LEU B 63 16.78 22.56 20.64
C LEU B 63 15.62 21.67 21.10
N SER B 64 15.83 20.35 21.21
CA SER B 64 14.77 19.40 21.64
C SER B 64 14.36 19.69 23.10
N GLN B 65 15.27 20.26 23.92
CA GLN B 65 15.06 20.43 25.37
C GLN B 65 14.64 21.87 25.76
N THR B 66 15.02 22.84 24.95
CA THR B 66 15.00 24.29 25.32
C THR B 66 13.59 24.83 25.59
N ASP B 67 13.49 25.83 26.46
CA ASP B 67 12.27 26.65 26.63
C ASP B 67 11.13 25.71 27.09
N GLY B 68 11.41 24.79 27.98
CA GLY B 68 10.32 23.94 28.51
C GLY B 68 10.02 22.68 27.68
N ALA B 69 10.59 22.50 26.49
CA ALA B 69 10.22 21.39 25.58
C ALA B 69 10.54 20.01 26.22
N GLY B 70 11.66 19.88 26.94
CA GLY B 70 12.05 18.68 27.68
C GLY B 70 11.01 18.34 28.75
N ASP B 71 10.65 19.32 29.57
CA ASP B 71 9.64 19.14 30.64
C ASP B 71 8.28 18.76 30.01
N TRP B 72 7.87 19.46 28.96
CA TRP B 72 6.61 19.15 28.24
C TRP B 72 6.66 17.66 27.75
N ARG B 73 7.71 17.24 27.08
CA ARG B 73 7.80 15.89 26.44
C ARG B 73 7.73 14.86 27.56
N GLU B 74 8.43 15.09 28.64
CA GLU B 74 8.45 14.16 29.79
C GLU B 74 7.03 14.02 30.35
N LYS B 75 6.31 15.13 30.55
CA LYS B 75 4.96 15.07 31.13
C LYS B 75 3.97 14.38 30.16
N GLU B 76 4.06 14.66 28.86
CA GLU B 76 3.13 14.07 27.86
C GLU B 76 3.42 12.56 27.73
N ALA B 77 4.70 12.15 27.74
CA ALA B 77 5.10 10.73 27.64
C ALA B 77 4.58 9.99 28.85
N LYS B 78 4.71 10.61 30.04
CA LYS B 78 4.20 10.05 31.31
C LYS B 78 2.68 9.85 31.24
N ASP B 79 1.95 10.84 30.78
CA ASP B 79 0.49 10.82 30.66
C ASP B 79 0.02 9.68 29.74
N LEU B 80 0.66 9.54 28.58
CA LEU B 80 0.32 8.48 27.59
C LEU B 80 0.65 7.10 28.17
N THR B 81 1.78 6.92 28.86
CA THR B 81 2.13 5.61 29.42
C THR B 81 1.09 5.25 30.48
N GLU B 82 0.77 6.19 31.36
CA GLU B 82 -0.21 5.92 32.42
C GLU B 82 -1.56 5.54 31.81
N LEU B 83 -1.97 6.26 30.78
CA LEU B 83 -3.22 5.95 30.06
C LEU B 83 -3.21 4.49 29.54
N VAL B 84 -2.19 4.12 28.78
CA VAL B 84 -2.10 2.75 28.20
C VAL B 84 -1.99 1.72 29.33
N GLN B 85 -1.13 1.93 30.33
CA GLN B 85 -0.98 0.96 31.43
C GLN B 85 -2.30 0.74 32.17
N ARG B 86 -3.10 1.79 32.35
CA ARG B 86 -4.44 1.67 32.99
C ARG B 86 -5.39 0.84 32.11
N ARG B 87 -5.38 1.07 30.80
CA ARG B 87 -6.24 0.33 29.86
C ARG B 87 -5.84 -1.18 29.85
N ILE B 88 -4.56 -1.48 29.88
CA ILE B 88 -4.06 -2.91 29.91
C ILE B 88 -4.47 -3.56 31.24
N THR B 89 -4.32 -2.84 32.34
CA THR B 89 -4.68 -3.32 33.70
C THR B 89 -6.18 -3.63 33.71
N TYR B 90 -6.98 -2.75 33.17
CA TYR B 90 -8.43 -2.92 33.07
C TYR B 90 -8.75 -4.21 32.27
N LEU B 91 -8.20 -4.33 31.09
CA LEU B 91 -8.41 -5.53 30.25
C LEU B 91 -8.02 -6.82 31.00
N GLN B 92 -6.90 -6.80 31.71
CA GLN B 92 -6.29 -7.98 32.35
C GLN B 92 -7.04 -8.40 33.61
N ASN B 93 -7.92 -7.55 34.18
CA ASN B 93 -8.51 -7.79 35.52
C ASN B 93 -10.04 -7.77 35.45
N PRO B 94 -10.69 -8.65 34.65
CA PRO B 94 -12.14 -8.70 34.65
C PRO B 94 -12.63 -9.08 36.05
N LYS B 95 -13.82 -8.65 36.40
CA LYS B 95 -14.47 -8.91 37.71
C LYS B 95 -14.87 -10.39 37.80
N ASP B 96 -15.23 -11.03 36.69
CA ASP B 96 -15.62 -12.47 36.76
C ASP B 96 -14.83 -13.29 35.75
N CYS B 97 -13.79 -13.98 36.19
CA CYS B 97 -12.91 -14.79 35.32
C CYS B 97 -13.73 -15.85 34.58
N SER B 98 -14.75 -16.42 35.21
CA SER B 98 -15.67 -17.44 34.63
C SER B 98 -16.24 -17.00 33.29
N LYS B 99 -16.61 -15.73 33.20
CA LYS B 99 -17.39 -15.21 32.08
C LYS B 99 -16.54 -14.31 31.19
N ALA B 100 -15.25 -14.11 31.48
CA ALA B 100 -14.40 -13.23 30.65
C ALA B 100 -14.10 -13.88 29.30
N LYS B 101 -14.14 -13.09 28.23
CA LYS B 101 -13.54 -13.46 26.92
C LYS B 101 -12.01 -13.52 27.11
N LYS B 102 -11.37 -14.56 26.55
CA LYS B 102 -9.95 -14.86 26.86
C LYS B 102 -9.18 -15.20 25.59
N LEU B 103 -7.89 -14.90 25.63
CA LEU B 103 -6.92 -15.26 24.58
C LEU B 103 -5.76 -16.00 25.27
N VAL B 104 -5.61 -17.26 24.84
CA VAL B 104 -4.59 -18.14 25.46
C VAL B 104 -3.33 -18.14 24.60
N CYS B 105 -2.24 -17.86 25.28
CA CYS B 105 -0.88 -17.78 24.71
C CYS B 105 -0.02 -18.84 25.41
N ASN B 106 0.57 -19.74 24.65
CA ASN B 106 1.60 -20.67 25.19
C ASN B 106 3.01 -20.09 25.04
N ILE B 107 3.74 -19.92 26.13
CA ILE B 107 5.04 -19.20 26.13
C ILE B 107 6.11 -20.03 25.43
N ASN B 108 5.95 -21.36 25.38
CA ASN B 108 7.04 -22.29 25.02
C ASN B 108 7.25 -22.37 23.51
N LYS B 109 7.38 -21.24 22.82
CA LYS B 109 7.73 -21.20 21.38
C LYS B 109 9.14 -21.79 21.27
N GLY B 110 9.48 -22.36 20.13
CA GLY B 110 10.73 -23.14 19.98
C GLY B 110 11.90 -22.24 19.65
N CYS B 111 12.32 -21.39 20.56
CA CYS B 111 13.32 -20.33 20.29
C CYS B 111 13.81 -19.77 21.63
N GLY B 112 14.77 -18.84 21.63
CA GLY B 112 15.31 -18.29 22.90
C GLY B 112 14.35 -17.31 23.60
N TYR B 113 14.79 -16.79 24.75
CA TYR B 113 14.02 -15.89 25.65
C TYR B 113 13.45 -14.68 24.90
N GLY B 114 14.25 -14.04 24.07
CA GLY B 114 13.84 -12.83 23.33
C GLY B 114 12.69 -13.12 22.39
N CYS B 115 12.84 -14.20 21.63
CA CYS B 115 11.79 -14.69 20.71
C CYS B 115 10.55 -15.12 21.53
N GLN B 116 10.72 -15.74 22.71
CA GLN B 116 9.57 -16.14 23.56
C GLN B 116 8.83 -14.89 24.11
N LEU B 117 9.59 -13.94 24.62
CA LEU B 117 8.97 -12.67 25.12
C LEU B 117 8.22 -11.99 23.97
N HIS B 118 8.78 -11.92 22.78
CA HIS B 118 8.11 -11.25 21.63
C HIS B 118 6.83 -11.98 21.24
N HIS B 119 6.80 -13.32 21.31
CA HIS B 119 5.59 -14.10 21.08
C HIS B 119 4.51 -13.71 22.09
N VAL B 120 4.85 -13.55 23.36
CA VAL B 120 3.88 -13.14 24.42
C VAL B 120 3.41 -11.71 24.09
N VAL B 121 4.30 -10.86 23.60
CA VAL B 121 3.91 -9.43 23.30
C VAL B 121 2.89 -9.48 22.15
N TYR B 122 3.18 -10.26 21.12
CA TYR B 122 2.30 -10.41 19.95
C TYR B 122 0.93 -10.92 20.40
N CYS B 123 0.88 -11.91 21.28
CA CYS B 123 -0.38 -12.46 21.84
C CYS B 123 -1.14 -11.30 22.53
N PHE B 124 -0.41 -10.55 23.35
CA PHE B 124 -0.97 -9.46 24.19
C PHE B 124 -1.63 -8.35 23.34
N MET B 125 -0.98 -7.97 22.24
CA MET B 125 -1.45 -6.86 21.38
C MET B 125 -2.73 -7.33 20.67
N ILE B 126 -2.79 -8.62 20.27
CA ILE B 126 -4.05 -9.18 19.70
C ILE B 126 -5.12 -9.31 20.79
N ALA B 127 -4.75 -9.71 22.00
CA ALA B 127 -5.71 -9.77 23.13
C ALA B 127 -6.32 -8.37 23.32
N TYR B 128 -5.47 -7.37 23.38
CA TYR B 128 -5.92 -5.96 23.57
C TYR B 128 -6.88 -5.54 22.43
N GLY B 129 -6.52 -5.80 21.19
CA GLY B 129 -7.37 -5.37 20.07
C GLY B 129 -8.71 -6.08 20.05
N THR B 130 -8.79 -7.35 20.52
CA THR B 130 -10.01 -8.17 20.40
C THR B 130 -10.81 -8.09 21.71
N GLN B 131 -10.37 -7.32 22.70
CA GLN B 131 -11.06 -7.23 24.02
C GLN B 131 -11.06 -8.60 24.73
N ARG B 132 -9.96 -9.34 24.66
CA ARG B 132 -9.82 -10.64 25.34
C ARG B 132 -8.74 -10.50 26.42
N THR B 133 -9.03 -10.99 27.62
CA THR B 133 -8.01 -11.11 28.69
C THR B 133 -6.94 -12.11 28.22
N LEU B 134 -5.67 -11.70 28.26
CA LEU B 134 -4.51 -12.59 27.96
C LEU B 134 -4.33 -13.60 29.10
N ILE B 135 -4.33 -14.88 28.77
CA ILE B 135 -4.06 -16.00 29.73
C ILE B 135 -2.75 -16.65 29.30
N LEU B 136 -1.76 -16.65 30.17
CA LEU B 136 -0.42 -17.17 29.84
C LEU B 136 -0.33 -18.65 30.27
N GLU B 137 0.04 -19.55 29.37
CA GLU B 137 0.35 -20.95 29.74
C GLU B 137 1.87 -20.99 29.73
N SER B 138 2.50 -21.05 30.93
CA SER B 138 3.99 -21.16 31.12
C SER B 138 4.41 -22.45 31.87
N GLN B 139 3.56 -23.49 31.88
CA GLN B 139 3.92 -24.88 32.32
C GLN B 139 5.12 -25.37 31.51
N ASN B 140 6.11 -26.00 32.15
CA ASN B 140 7.24 -26.67 31.48
C ASN B 140 8.15 -25.65 30.77
N TRP B 141 8.13 -24.37 31.17
CA TRP B 141 8.99 -23.32 30.55
C TRP B 141 10.46 -23.77 30.65
N ARG B 142 11.17 -23.85 29.52
CA ARG B 142 12.60 -24.27 29.48
C ARG B 142 13.45 -23.42 30.44
N TYR B 143 13.13 -22.13 30.66
CA TYR B 143 13.98 -21.20 31.47
C TYR B 143 13.63 -21.32 32.96
N ALA B 144 12.42 -21.79 33.26
CA ALA B 144 11.93 -21.95 34.65
C ALA B 144 10.70 -22.85 34.65
N THR B 145 10.85 -24.12 35.04
CA THR B 145 9.72 -24.91 35.61
C THR B 145 9.36 -24.11 36.89
N GLY B 146 8.07 -24.01 37.24
CA GLY B 146 7.59 -22.91 38.11
C GLY B 146 7.02 -21.80 37.22
N GLY B 147 7.74 -21.42 36.17
CA GLY B 147 7.18 -20.69 35.02
C GLY B 147 7.34 -19.19 35.17
N TRP B 148 6.50 -18.45 34.49
CA TRP B 148 6.53 -16.97 34.41
C TRP B 148 6.72 -16.31 35.77
N GLU B 149 5.94 -16.70 36.78
CA GLU B 149 5.89 -15.97 38.06
C GLU B 149 7.15 -16.16 38.91
N THR B 150 8.05 -17.01 38.48
CA THR B 150 9.48 -17.14 38.89
C THR B 150 10.20 -15.80 38.75
N VAL B 151 9.88 -14.97 37.74
CA VAL B 151 10.58 -13.68 37.53
C VAL B 151 9.63 -12.49 37.54
N PHE B 152 8.49 -12.61 36.87
CA PHE B 152 7.57 -11.48 36.63
C PHE B 152 6.28 -11.70 37.39
N ARG B 153 5.64 -10.57 37.67
CA ARG B 153 4.29 -10.56 38.23
C ARG B 153 3.36 -11.30 37.31
N PRO B 154 2.32 -11.96 37.88
CA PRO B 154 1.32 -12.60 37.04
C PRO B 154 0.66 -11.51 36.17
N VAL B 155 0.24 -11.85 34.95
CA VAL B 155 -0.33 -10.83 34.02
C VAL B 155 -1.74 -10.40 34.38
N SER B 156 -2.33 -11.01 35.40
CA SER B 156 -3.61 -10.60 36.00
C SER B 156 -3.57 -10.88 37.51
N GLU B 157 -4.36 -10.16 38.28
CA GLU B 157 -4.66 -10.41 39.70
C GLU B 157 -6.00 -11.15 39.85
N THR B 158 -6.89 -11.15 38.86
CA THR B 158 -8.29 -11.63 39.02
C THR B 158 -8.58 -12.84 38.14
N CYS B 159 -7.78 -13.10 37.11
CA CYS B 159 -8.20 -14.01 36.04
C CYS B 159 -6.96 -14.62 35.37
N THR B 160 -6.55 -15.81 35.83
CA THR B 160 -5.37 -16.52 35.29
C THR B 160 -5.72 -17.91 34.78
N ASP B 161 -7.00 -18.29 34.68
CA ASP B 161 -7.33 -19.68 34.22
C ASP B 161 -8.00 -19.59 32.84
N ARG B 162 -8.13 -20.73 32.16
CA ARG B 162 -8.66 -20.81 30.78
C ARG B 162 -10.13 -21.29 30.77
N SER B 163 -10.82 -21.24 31.89
CA SER B 163 -12.21 -21.71 32.03
C SER B 163 -13.13 -20.91 31.12
N GLY B 164 -14.18 -21.56 30.62
CA GLY B 164 -15.22 -20.93 29.80
C GLY B 164 -16.15 -21.94 29.18
N ILE B 165 -17.14 -21.50 28.45
CA ILE B 165 -18.16 -22.44 27.95
C ILE B 165 -17.83 -22.90 26.53
N SER B 166 -16.89 -22.25 25.85
CA SER B 166 -16.48 -22.58 24.47
C SER B 166 -15.00 -22.21 24.28
N THR B 167 -14.25 -23.10 23.62
CA THR B 167 -12.81 -22.94 23.38
C THR B 167 -12.54 -23.30 21.94
N GLY B 168 -11.62 -22.59 21.27
CA GLY B 168 -11.29 -22.86 19.87
C GLY B 168 -9.96 -22.28 19.50
N HIS B 169 -9.35 -22.81 18.45
CA HIS B 169 -8.19 -22.21 17.78
C HIS B 169 -8.68 -20.93 17.07
N TRP B 170 -7.83 -19.94 17.06
CA TRP B 170 -8.03 -18.69 16.29
C TRP B 170 -8.52 -18.97 14.88
N SER B 171 -9.60 -18.33 14.50
CA SER B 171 -10.14 -18.43 13.10
C SER B 171 -10.57 -17.05 12.62
N GLY B 172 -10.26 -15.97 13.35
CA GLY B 172 -10.52 -14.58 12.93
C GLY B 172 -11.61 -13.97 13.76
N GLU B 173 -11.59 -12.64 13.92
N GLU B 173 -11.62 -12.61 13.91
CA GLU B 173 -12.39 -11.93 14.97
CA GLU B 173 -12.35 -11.87 14.99
C GLU B 173 -13.88 -12.18 14.75
C GLU B 173 -13.88 -11.94 14.75
N VAL B 174 -14.32 -12.15 13.49
CA VAL B 174 -15.76 -12.28 13.19
C VAL B 174 -16.21 -13.72 13.48
N LYS B 175 -15.55 -14.74 12.96
CA LYS B 175 -15.93 -16.17 13.26
C LYS B 175 -15.79 -16.50 14.75
N ASP B 176 -14.90 -15.84 15.50
CA ASP B 176 -14.63 -16.19 16.93
C ASP B 176 -15.49 -15.36 17.88
N LYS B 177 -16.38 -14.54 17.36
CA LYS B 177 -17.19 -13.60 18.18
C LYS B 177 -17.87 -14.33 19.35
N ASN B 178 -18.40 -15.51 19.20
CA ASN B 178 -19.11 -16.19 20.30
C ASN B 178 -18.24 -17.31 20.90
N VAL B 179 -16.93 -17.33 20.64
CA VAL B 179 -16.02 -18.31 21.27
C VAL B 179 -15.39 -17.65 22.49
N GLN B 180 -15.65 -18.19 23.68
CA GLN B 180 -15.21 -17.52 24.94
C GLN B 180 -13.68 -17.51 25.03
N VAL B 181 -13.02 -18.62 24.72
CA VAL B 181 -11.56 -18.79 24.91
C VAL B 181 -10.94 -19.14 23.57
N VAL B 182 -10.14 -18.24 23.04
CA VAL B 182 -9.47 -18.45 21.74
C VAL B 182 -8.01 -18.71 22.04
N GLU B 183 -7.49 -19.79 21.45
CA GLU B 183 -6.06 -20.16 21.51
C GLU B 183 -5.33 -19.56 20.32
N LEU B 184 -4.27 -18.81 20.56
CA LEU B 184 -3.54 -18.12 19.48
C LEU B 184 -2.28 -18.93 19.14
N PRO B 185 -2.03 -19.25 17.86
CA PRO B 185 -0.77 -19.87 17.47
C PRO B 185 0.33 -18.81 17.34
N ILE B 186 1.55 -19.27 17.08
CA ILE B 186 2.71 -18.41 16.73
C ILE B 186 2.41 -17.60 15.47
N VAL B 187 3.02 -16.43 15.37
CA VAL B 187 2.68 -15.46 14.29
C VAL B 187 3.07 -16.06 12.94
N ASP B 188 4.12 -16.87 12.93
CA ASP B 188 4.61 -17.63 11.75
C ASP B 188 3.46 -18.45 11.13
N SER B 189 2.48 -18.93 11.90
CA SER B 189 1.34 -19.76 11.44
C SER B 189 -0.01 -19.05 11.45
N LEU B 190 -0.08 -17.75 11.73
CA LEU B 190 -1.40 -17.13 12.02
C LEU B 190 -2.16 -16.87 10.71
N HIS B 191 -3.41 -17.30 10.64
CA HIS B 191 -4.34 -17.01 9.52
C HIS B 191 -5.77 -17.12 10.01
N PRO B 192 -6.66 -16.14 9.76
CA PRO B 192 -6.30 -14.87 9.10
C PRO B 192 -5.62 -13.89 10.08
N ARG B 193 -4.79 -12.99 9.56
CA ARG B 193 -4.11 -11.95 10.37
C ARG B 193 -5.12 -10.89 10.75
N PRO B 194 -5.28 -10.53 12.04
CA PRO B 194 -6.08 -9.35 12.38
C PRO B 194 -5.24 -8.11 12.19
N PRO B 195 -5.80 -6.89 12.26
CA PRO B 195 -5.00 -5.66 12.08
C PRO B 195 -4.15 -5.22 13.29
N TYR B 196 -4.31 -5.90 14.46
CA TYR B 196 -3.70 -5.52 15.76
C TYR B 196 -2.25 -6.02 15.84
N LEU B 197 -1.44 -5.71 14.85
CA LEU B 197 -0.03 -6.18 14.78
C LEU B 197 0.84 -4.97 14.51
N PRO B 198 2.12 -5.01 14.95
CA PRO B 198 3.09 -3.97 14.59
C PRO B 198 3.23 -3.94 13.07
N LEU B 199 3.62 -2.81 12.48
CA LEU B 199 4.05 -1.58 13.14
C LEU B 199 2.90 -0.58 13.22
N ALA B 200 1.64 -0.98 13.08
CA ALA B 200 0.55 0.01 13.24
C ALA B 200 0.42 0.47 14.69
N VAL B 201 -0.19 1.64 14.84
CA VAL B 201 -0.44 2.26 16.15
CA VAL B 201 -0.43 2.29 16.15
C VAL B 201 -1.93 2.60 16.26
N PRO B 202 -2.49 2.65 17.48
CA PRO B 202 -3.89 3.00 17.68
C PRO B 202 -4.23 4.42 17.14
N GLU B 203 -5.25 4.47 16.29
CA GLU B 203 -5.89 5.68 15.76
C GLU B 203 -6.11 6.72 16.87
N ASP B 204 -6.61 6.32 18.04
CA ASP B 204 -6.97 7.30 19.11
C ASP B 204 -5.70 7.97 19.70
N LEU B 205 -4.52 7.38 19.56
CA LEU B 205 -3.26 7.89 20.17
C LEU B 205 -2.31 8.46 19.12
N ALA B 206 -2.54 8.19 17.84
CA ALA B 206 -1.54 8.41 16.78
C ALA B 206 -1.05 9.88 16.78
N ASP B 207 -1.97 10.83 16.91
CA ASP B 207 -1.58 12.25 16.86
C ASP B 207 -0.65 12.59 18.03
N ARG B 208 -1.00 12.17 19.24
CA ARG B 208 -0.20 12.48 20.45
C ARG B 208 1.14 11.76 20.33
N LEU B 209 1.16 10.52 19.83
CA LEU B 209 2.41 9.74 19.74
C LEU B 209 3.37 10.37 18.73
N VAL B 210 2.90 10.79 17.56
CA VAL B 210 3.77 11.43 16.53
C VAL B 210 4.37 12.72 17.12
N ARG B 211 3.62 13.46 17.90
CA ARG B 211 4.13 14.71 18.50
C ARG B 211 5.28 14.40 19.50
N VAL B 212 5.15 13.35 20.29
CA VAL B 212 6.07 13.08 21.43
C VAL B 212 7.26 12.23 21.03
N HIS B 213 7.11 11.38 20.01
CA HIS B 213 8.03 10.21 19.84
C HIS B 213 8.42 10.05 18.36
N GLY B 214 9.71 9.77 18.16
CA GLY B 214 10.34 9.54 16.84
C GLY B 214 9.94 8.23 16.21
N ASP B 215 9.46 7.24 16.96
CA ASP B 215 9.05 5.91 16.38
C ASP B 215 7.86 5.38 17.18
N PRO B 216 6.65 5.87 16.87
CA PRO B 216 5.45 5.48 17.60
C PRO B 216 5.21 3.95 17.60
N ALA B 217 5.66 3.25 16.58
CA ALA B 217 5.44 1.78 16.46
C ALA B 217 6.14 1.08 17.61
N VAL B 218 7.41 1.44 17.90
CA VAL B 218 8.19 0.77 18.98
C VAL B 218 7.61 1.19 20.30
N TRP B 219 7.22 2.46 20.45
CA TRP B 219 6.57 2.93 21.69
C TRP B 219 5.38 2.01 22.04
N TRP B 220 4.49 1.79 21.07
CA TRP B 220 3.29 0.97 21.26
C TRP B 220 3.70 -0.49 21.66
N VAL B 221 4.60 -1.14 20.94
CA VAL B 221 5.16 -2.46 21.36
C VAL B 221 5.67 -2.36 22.80
N SER B 222 6.40 -1.30 23.14
CA SER B 222 7.10 -1.17 24.44
C SER B 222 6.08 -1.13 25.58
N GLN B 223 4.83 -0.74 25.35
CA GLN B 223 3.83 -0.67 26.43
C GLN B 223 3.41 -2.09 26.89
N PHE B 224 3.40 -3.04 25.96
CA PHE B 224 3.10 -4.47 26.26
C PHE B 224 4.33 -5.07 26.96
N VAL B 225 5.51 -4.79 26.45
CA VAL B 225 6.76 -5.23 27.11
C VAL B 225 6.77 -4.72 28.55
N LYS B 226 6.50 -3.45 28.77
CA LYS B 226 6.56 -2.83 30.11
C LYS B 226 5.60 -3.52 31.08
N TYR B 227 4.38 -3.81 30.66
CA TYR B 227 3.42 -4.50 31.55
C TYR B 227 3.88 -5.95 31.84
N LEU B 228 4.36 -6.65 30.82
CA LEU B 228 4.78 -8.06 30.98
C LEU B 228 5.95 -8.17 31.98
N ILE B 229 6.91 -7.28 31.93
CA ILE B 229 8.19 -7.44 32.67
C ILE B 229 8.15 -6.76 34.03
N ARG B 230 7.00 -6.47 34.59
CA ARG B 230 6.88 -5.99 35.98
C ARG B 230 7.56 -7.04 36.85
N PRO B 231 8.63 -6.67 37.57
CA PRO B 231 9.42 -7.69 38.27
C PRO B 231 8.78 -8.20 39.56
N GLN B 232 9.00 -9.45 39.91
CA GLN B 232 8.73 -9.90 41.29
C GLN B 232 9.71 -9.19 42.20
N PRO B 233 9.39 -9.01 43.50
CA PRO B 233 10.25 -8.21 44.39
C PRO B 233 11.66 -8.78 44.58
N TRP B 234 11.79 -10.11 44.56
CA TRP B 234 13.11 -10.76 44.59
C TRP B 234 13.91 -10.39 43.34
N LEU B 235 13.32 -10.27 42.15
CA LEU B 235 14.14 -9.89 40.94
C LEU B 235 14.56 -8.40 41.07
N GLU B 236 13.67 -7.56 41.56
CA GLU B 236 14.00 -6.14 41.83
C GLU B 236 15.25 -6.05 42.74
N LYS B 237 15.31 -6.88 43.77
CA LYS B 237 16.44 -6.88 44.74
C LYS B 237 17.71 -7.42 44.08
N GLU B 238 17.61 -8.46 43.28
CA GLU B 238 18.78 -9.01 42.54
C GLU B 238 19.36 -7.98 41.56
N ILE B 239 18.53 -7.16 40.91
CA ILE B 239 19.03 -6.16 39.95
C ILE B 239 19.76 -5.09 40.77
N GLU B 240 19.18 -4.65 41.88
CA GLU B 240 19.78 -3.62 42.78
C GLU B 240 21.18 -4.10 43.19
N GLU B 241 21.29 -5.34 43.65
CA GLU B 241 22.54 -5.98 44.06
C GLU B 241 23.54 -6.05 42.89
N ALA B 242 23.09 -6.49 41.70
CA ALA B 242 23.94 -6.59 40.48
C ALA B 242 24.49 -5.18 40.14
N THR B 243 23.64 -4.16 40.20
CA THR B 243 23.99 -2.75 39.88
C THR B 243 25.16 -2.29 40.79
N LYS B 244 25.08 -2.63 42.08
CA LYS B 244 26.10 -2.27 43.10
C LYS B 244 27.38 -3.04 42.78
N LYS B 245 27.31 -4.36 42.69
CA LYS B 245 28.47 -5.27 42.50
C LYS B 245 29.21 -4.95 41.19
N LEU B 246 28.52 -4.55 40.12
CA LEU B 246 29.15 -4.32 38.79
C LEU B 246 29.65 -2.87 38.70
N GLY B 247 29.20 -1.99 39.57
CA GLY B 247 29.54 -0.56 39.50
C GLY B 247 28.93 0.06 38.26
N PHE B 248 27.71 -0.39 37.91
CA PHE B 248 27.01 0.20 36.75
C PHE B 248 26.65 1.64 37.07
N LYS B 249 27.04 2.61 36.27
CA LYS B 249 26.63 4.01 36.46
C LYS B 249 26.88 4.76 35.16
N HIS B 250 26.41 6.00 35.09
CA HIS B 250 26.33 6.82 33.86
C HIS B 250 27.44 7.84 33.81
N PRO B 251 27.93 8.26 32.62
CA PRO B 251 27.47 7.68 31.35
C PRO B 251 28.01 6.27 31.08
N VAL B 252 27.23 5.46 30.39
CA VAL B 252 27.59 4.05 29.98
C VAL B 252 26.91 3.75 28.65
N ILE B 253 27.66 3.17 27.72
CA ILE B 253 27.12 2.68 26.42
C ILE B 253 27.00 1.16 26.45
N GLY B 254 25.80 0.67 26.15
CA GLY B 254 25.49 -0.76 26.02
C GLY B 254 25.92 -1.30 24.67
N VAL B 255 26.60 -2.46 24.67
CA VAL B 255 27.05 -3.16 23.46
C VAL B 255 26.66 -4.64 23.58
N HIS B 256 25.94 -5.12 22.56
CA HIS B 256 25.46 -6.52 22.54
C HIS B 256 26.10 -7.16 21.33
N VAL B 257 26.94 -8.16 21.54
CA VAL B 257 27.69 -8.82 20.43
C VAL B 257 27.24 -10.27 20.30
N ARG B 258 26.57 -10.57 19.20
CA ARG B 258 26.00 -11.91 18.88
C ARG B 258 27.04 -12.70 18.08
N ARG B 259 27.50 -13.82 18.63
CA ARG B 259 28.41 -14.81 17.98
C ARG B 259 27.65 -16.16 17.93
N THR B 260 28.24 -17.27 18.35
CA THR B 260 27.57 -18.62 18.40
C THR B 260 26.69 -18.86 17.16
N ASP B 261 25.42 -19.26 17.34
CA ASP B 261 24.58 -19.90 16.28
C ASP B 261 23.96 -18.82 15.39
N LYS B 262 24.08 -17.55 15.78
CA LYS B 262 23.56 -16.39 14.98
C LYS B 262 24.33 -16.28 13.65
N VAL B 263 25.65 -16.45 13.73
CA VAL B 263 26.63 -16.15 12.63
C VAL B 263 26.45 -17.19 11.51
N GLY B 264 26.22 -16.71 10.27
CA GLY B 264 26.06 -17.58 9.08
C GLY B 264 24.66 -18.16 8.91
N THR B 265 23.80 -18.14 9.95
CA THR B 265 22.35 -18.48 9.78
C THR B 265 21.56 -17.19 9.52
N GLU B 266 21.68 -16.17 10.37
CA GLU B 266 20.71 -15.04 10.42
C GLU B 266 21.41 -13.67 10.53
N ALA B 267 22.74 -13.66 10.55
CA ALA B 267 23.60 -12.48 10.76
C ALA B 267 25.06 -12.84 10.40
N ALA B 268 25.88 -11.82 10.21
CA ALA B 268 27.34 -11.97 10.10
C ALA B 268 27.96 -11.94 11.51
N PHE B 269 29.19 -12.46 11.57
CA PHE B 269 30.23 -12.13 12.56
C PHE B 269 30.62 -10.67 12.26
N HIS B 270 30.54 -9.81 13.26
CA HIS B 270 31.06 -8.42 13.20
C HIS B 270 32.22 -8.39 14.18
N PRO B 271 33.39 -7.87 13.79
CA PRO B 271 34.51 -7.77 14.74
C PRO B 271 34.17 -6.73 15.80
N ILE B 272 34.79 -6.86 16.97
CA ILE B 272 34.60 -5.94 18.13
C ILE B 272 34.87 -4.49 17.66
N GLU B 273 35.79 -4.28 16.73
CA GLU B 273 36.23 -2.94 16.31
C GLU B 273 35.07 -2.20 15.61
N GLU B 274 34.19 -2.95 14.96
CA GLU B 274 33.03 -2.34 14.26
C GLU B 274 32.03 -1.77 15.28
N TYR B 275 31.76 -2.46 16.38
CA TYR B 275 30.94 -1.93 17.49
C TYR B 275 31.60 -0.69 18.12
N MET B 276 32.91 -0.76 18.34
CA MET B 276 33.64 0.23 19.17
C MET B 276 33.84 1.54 18.41
N VAL B 277 33.82 1.54 17.08
CA VAL B 277 33.85 2.80 16.28
C VAL B 277 32.61 3.63 16.64
N HIS B 278 31.44 3.00 16.78
CA HIS B 278 30.18 3.70 17.11
C HIS B 278 30.16 4.11 18.58
N VAL B 279 30.70 3.28 19.47
CA VAL B 279 30.78 3.60 20.92
C VAL B 279 31.64 4.88 21.05
N GLU B 280 32.80 4.91 20.39
CA GLU B 280 33.78 6.02 20.44
C GLU B 280 33.08 7.28 19.90
N GLU B 281 32.43 7.18 18.74
CA GLU B 281 31.77 8.37 18.13
C GLU B 281 30.73 8.93 19.12
N HIS B 282 29.95 8.05 19.79
CA HIS B 282 28.89 8.51 20.68
C HIS B 282 29.51 9.18 21.90
N PHE B 283 30.62 8.64 22.44
CA PHE B 283 31.30 9.30 23.58
C PHE B 283 31.83 10.68 23.15
N GLN B 284 32.35 10.83 21.93
CA GLN B 284 32.78 12.14 21.38
C GLN B 284 31.57 13.09 21.39
N LEU B 285 30.39 12.59 21.03
CA LEU B 285 29.14 13.41 21.04
C LEU B 285 28.75 13.78 22.48
N LEU B 286 28.75 12.83 23.41
CA LEU B 286 28.33 13.08 24.82
C LEU B 286 29.31 14.06 25.48
N ALA B 287 30.60 13.94 25.17
CA ALA B 287 31.64 14.80 25.77
C ALA B 287 31.34 16.26 25.41
N ARG B 288 30.58 16.53 24.36
CA ARG B 288 30.32 17.94 24.00
C ARG B 288 29.29 18.55 24.94
N ARG B 289 28.53 17.78 25.73
CA ARG B 289 27.47 18.37 26.58
C ARG B 289 27.52 17.89 28.02
N MET B 290 28.46 17.01 28.40
CA MET B 290 28.53 16.53 29.79
C MET B 290 29.98 16.16 30.07
N GLN B 291 30.33 16.09 31.35
CA GLN B 291 31.65 15.57 31.78
C GLN B 291 31.61 14.05 31.58
N VAL B 292 32.52 13.51 30.81
CA VAL B 292 32.72 12.04 30.76
C VAL B 292 33.93 11.75 31.64
N ASP B 293 33.71 11.36 32.91
CA ASP B 293 34.71 10.81 33.86
C ASP B 293 35.47 9.69 33.14
N LYS B 294 34.75 8.68 32.69
CA LYS B 294 35.35 7.38 32.26
C LYS B 294 34.45 6.86 31.16
N LYS B 295 35.04 6.30 30.12
CA LYS B 295 34.32 5.64 29.01
C LYS B 295 33.95 4.25 29.49
N ARG B 296 32.69 4.07 29.94
CA ARG B 296 32.12 2.82 30.46
C ARG B 296 31.33 2.14 29.32
N VAL B 297 31.59 0.84 29.16
CA VAL B 297 30.79 -0.01 28.26
C VAL B 297 30.21 -1.17 29.06
N TYR B 298 28.89 -1.34 28.98
CA TYR B 298 28.24 -2.60 29.41
C TYR B 298 28.27 -3.56 28.23
N LEU B 299 29.06 -4.63 28.32
CA LEU B 299 29.26 -5.62 27.23
C LEU B 299 28.46 -6.88 27.54
N ALA B 300 27.49 -7.19 26.69
CA ALA B 300 26.63 -8.38 26.75
C ALA B 300 26.97 -9.19 25.49
N THR B 301 27.22 -10.48 25.67
CA THR B 301 27.61 -11.33 24.52
C THR B 301 27.26 -12.79 24.87
N ASP B 302 27.08 -13.60 23.83
CA ASP B 302 26.97 -15.08 23.99
C ASP B 302 28.35 -15.73 23.82
N ASP B 303 29.45 -14.96 23.70
CA ASP B 303 30.83 -15.48 23.80
C ASP B 303 31.59 -14.82 24.93
N PRO B 304 31.61 -15.36 26.17
CA PRO B 304 32.42 -14.78 27.23
C PRO B 304 33.95 -14.96 27.07
N SER B 305 34.49 -15.28 25.89
CA SER B 305 35.89 -14.92 25.51
C SER B 305 36.02 -13.43 25.15
N LEU B 306 34.93 -12.80 24.74
CA LEU B 306 35.00 -11.48 24.08
C LEU B 306 35.45 -10.42 25.10
N LEU B 307 35.07 -10.59 26.35
CA LEU B 307 35.40 -9.66 27.44
C LEU B 307 36.91 -9.40 27.48
N LYS B 308 37.69 -10.48 27.45
CA LYS B 308 39.18 -10.39 27.52
C LYS B 308 39.67 -9.73 26.25
N GLU B 309 39.08 -10.02 25.09
CA GLU B 309 39.48 -9.37 23.81
C GLU B 309 39.29 -7.86 23.95
N ALA B 310 38.11 -7.45 24.40
CA ALA B 310 37.73 -6.02 24.47
C ALA B 310 38.65 -5.28 25.44
N LYS B 311 38.91 -5.86 26.62
CA LYS B 311 39.79 -5.22 27.63
C LYS B 311 41.22 -5.10 27.11
N THR B 312 41.68 -6.10 26.36
CA THR B 312 43.07 -6.11 25.82
C THR B 312 43.16 -5.08 24.73
N LYS B 313 42.19 -5.02 23.82
CA LYS B 313 42.30 -4.07 22.68
C LYS B 313 41.92 -2.64 23.07
N TYR B 314 41.11 -2.42 24.12
CA TYR B 314 40.68 -1.05 24.52
C TYR B 314 40.99 -0.79 25.99
N PRO B 315 42.30 -0.65 26.35
CA PRO B 315 42.68 -0.51 27.76
C PRO B 315 42.20 0.83 28.36
N ASN B 316 41.91 1.84 27.53
CA ASN B 316 41.34 3.15 27.92
C ASN B 316 39.82 3.09 28.23
N TYR B 317 39.14 1.94 28.09
CA TYR B 317 37.69 1.77 28.36
C TYR B 317 37.50 0.92 29.61
N GLU B 318 36.45 1.17 30.37
CA GLU B 318 36.01 0.34 31.50
C GLU B 318 34.88 -0.54 30.98
N PHE B 319 35.09 -1.86 30.94
CA PHE B 319 34.05 -2.82 30.52
C PHE B 319 33.40 -3.45 31.74
N ILE B 320 32.09 -3.34 31.82
CA ILE B 320 31.21 -3.89 32.89
C ILE B 320 30.44 -5.04 32.25
N SER B 321 30.22 -6.15 32.96
CA SER B 321 29.61 -7.37 32.38
C SER B 321 29.31 -8.38 33.49
N ASP B 322 28.31 -9.26 33.35
CA ASP B 322 28.43 -10.68 33.85
C ASP B 322 27.72 -11.66 32.91
N ASN B 323 20.54 -20.62 35.57
CA ASN B 323 21.51 -19.49 35.60
C ASN B 323 21.33 -18.62 34.33
N SER B 324 20.97 -19.20 33.19
CA SER B 324 20.99 -18.46 31.91
C SER B 324 19.81 -17.48 31.88
N LEU B 325 18.64 -17.85 32.45
CA LEU B 325 17.50 -16.91 32.60
C LEU B 325 17.94 -15.63 33.34
N ARG B 326 18.53 -15.75 34.53
CA ARG B 326 19.04 -14.60 35.32
C ARG B 326 20.04 -13.83 34.47
N GLY B 327 20.93 -14.51 33.75
CA GLY B 327 21.94 -13.90 32.87
C GLY B 327 21.30 -13.01 31.79
N VAL B 328 20.37 -13.55 30.99
CA VAL B 328 19.75 -12.79 29.88
C VAL B 328 18.98 -11.60 30.48
N ILE B 329 18.21 -11.83 31.54
CA ILE B 329 17.42 -10.73 32.16
C ILE B 329 18.32 -9.57 32.59
N LEU B 330 19.42 -9.90 33.30
CA LEU B 330 20.40 -8.89 33.76
C LEU B 330 21.03 -8.19 32.55
N ASP B 331 21.49 -8.93 31.55
CA ASP B 331 22.10 -8.32 30.33
C ASP B 331 21.07 -7.35 29.68
N ILE B 332 19.84 -7.82 29.48
CA ILE B 332 18.80 -6.94 28.81
C ILE B 332 18.54 -5.71 29.68
N HIS B 333 18.43 -5.88 31.01
CA HIS B 333 18.20 -4.73 31.91
C HIS B 333 19.31 -3.70 31.72
N PHE B 334 20.57 -4.10 31.81
CA PHE B 334 21.70 -3.13 31.79
C PHE B 334 21.79 -2.49 30.40
N LEU B 335 21.64 -3.27 29.33
CA LEU B 335 21.62 -2.69 27.97
C LEU B 335 20.50 -1.62 27.93
N SER B 336 19.30 -1.92 28.40
CA SER B 336 18.11 -1.03 28.28
C SER B 336 18.32 0.24 29.10
N GLN B 337 19.13 0.18 30.16
CA GLN B 337 19.37 1.31 31.08
C GLN B 337 20.50 2.18 30.56
N ALA B 338 21.17 1.82 29.45
CA ALA B 338 22.35 2.53 28.95
C ALA B 338 21.97 3.91 28.35
N ASP B 339 22.96 4.77 28.16
CA ASP B 339 22.77 6.09 27.51
C ASP B 339 22.56 5.89 26.01
N PHE B 340 23.07 4.79 25.47
CA PHE B 340 23.06 4.49 24.03
C PHE B 340 23.32 2.96 23.87
N LEU B 341 22.83 2.40 22.78
CA LEU B 341 22.87 0.93 22.53
C LEU B 341 23.55 0.72 21.18
N VAL B 342 24.60 -0.10 21.12
CA VAL B 342 25.24 -0.52 19.85
C VAL B 342 25.10 -2.02 19.78
N CYS B 343 24.48 -2.52 18.72
CA CYS B 343 24.24 -3.96 18.54
C CYS B 343 23.83 -4.29 17.11
N THR B 344 23.35 -5.51 16.92
CA THR B 344 22.67 -5.97 15.67
C THR B 344 21.19 -6.13 15.97
N PHE B 345 20.34 -5.36 15.35
CA PHE B 345 18.88 -5.55 15.50
C PHE B 345 18.43 -6.87 14.86
N SER B 346 19.25 -7.64 14.13
CA SER B 346 18.89 -9.04 13.76
C SER B 346 18.72 -9.89 15.03
N SER B 347 19.31 -9.49 16.17
CA SER B 347 19.21 -10.22 17.45
C SER B 347 17.93 -9.83 18.22
N GLN B 348 17.13 -10.81 18.63
CA GLN B 348 15.90 -10.58 19.44
C GLN B 348 16.29 -9.91 20.78
N VAL B 349 17.42 -10.29 21.37
CA VAL B 349 17.87 -9.72 22.68
C VAL B 349 18.04 -8.20 22.54
N CYS B 350 18.77 -7.76 21.53
CA CYS B 350 19.04 -6.33 21.32
C CYS B 350 17.70 -5.59 21.11
N ARG B 351 16.78 -6.17 20.35
CA ARG B 351 15.49 -5.53 20.12
C ARG B 351 14.71 -5.37 21.44
N VAL B 352 14.67 -6.37 22.30
CA VAL B 352 14.00 -6.25 23.62
C VAL B 352 14.63 -5.09 24.41
N ALA B 353 15.96 -5.00 24.48
CA ALA B 353 16.62 -3.96 25.27
C ALA B 353 16.18 -2.57 24.72
N TYR B 354 16.13 -2.41 23.40
CA TYR B 354 15.73 -1.15 22.75
C TYR B 354 14.26 -0.84 23.09
N GLU B 355 13.39 -1.84 23.07
CA GLU B 355 11.96 -1.67 23.41
C GLU B 355 11.87 -1.19 24.86
N ILE B 356 12.60 -1.82 25.78
CA ILE B 356 12.48 -1.46 27.21
C ILE B 356 13.02 -0.04 27.35
N MET B 357 14.12 0.27 26.68
CA MET B 357 14.73 1.63 26.73
C MET B 357 13.64 2.67 26.42
N GLN B 358 12.71 2.40 25.50
CA GLN B 358 11.63 3.39 25.16
C GLN B 358 10.76 3.69 26.38
N THR B 359 10.67 2.80 27.36
CA THR B 359 9.79 3.00 28.54
C THR B 359 10.53 3.82 29.59
N LEU B 360 11.82 4.08 29.43
CA LEU B 360 12.63 4.77 30.47
C LEU B 360 12.79 6.26 30.16
N HIS B 361 12.42 6.74 28.96
CA HIS B 361 12.75 8.11 28.52
C HIS B 361 11.57 8.62 27.76
N PRO B 362 11.41 9.94 27.60
CA PRO B 362 10.30 10.45 26.79
C PRO B 362 10.45 9.98 25.34
N ASP B 363 11.63 10.01 24.78
CA ASP B 363 11.84 9.66 23.36
C ASP B 363 13.27 9.15 23.18
N ALA B 364 13.46 7.84 23.32
CA ALA B 364 14.79 7.24 23.11
C ALA B 364 14.88 6.57 21.74
N SER B 365 14.02 6.93 20.78
CA SER B 365 13.87 6.22 19.49
C SER B 365 15.20 6.23 18.72
N ALA B 366 15.99 7.29 18.88
CA ALA B 366 17.27 7.46 18.15
C ALA B 366 18.47 6.96 18.98
N ASN B 367 18.31 6.46 20.20
CA ASN B 367 19.46 6.13 21.09
C ASN B 367 20.05 4.74 20.74
N PHE B 368 20.23 4.44 19.47
CA PHE B 368 20.86 3.14 19.09
C PHE B 368 21.67 3.30 17.82
N HIS B 369 22.54 2.32 17.53
CA HIS B 369 23.08 2.08 16.19
C HIS B 369 23.08 0.57 15.96
N SER B 370 22.45 0.14 14.89
CA SER B 370 22.39 -1.26 14.49
C SER B 370 23.44 -1.44 13.42
N LEU B 371 24.24 -2.49 13.51
CA LEU B 371 25.18 -2.81 12.42
C LEU B 371 24.43 -3.50 11.28
N ASP B 372 23.20 -3.99 11.47
CA ASP B 372 22.50 -4.66 10.33
C ASP B 372 21.11 -4.05 10.17
N ASP B 373 20.07 -4.66 10.73
CA ASP B 373 18.67 -4.35 10.40
C ASP B 373 18.26 -3.05 11.09
N ILE B 374 17.24 -2.43 10.52
CA ILE B 374 16.46 -1.34 11.14
C ILE B 374 15.59 -2.03 12.17
N TYR B 375 14.91 -1.26 13.03
CA TYR B 375 13.98 -1.88 14.00
C TYR B 375 12.88 -2.64 13.23
N TYR B 376 12.61 -3.87 13.64
CA TYR B 376 11.42 -4.63 13.19
C TYR B 376 10.87 -5.43 14.34
N PHE B 377 9.64 -5.88 14.16
CA PHE B 377 8.94 -6.81 15.05
C PHE B 377 8.58 -8.01 14.17
N GLY B 378 9.15 -9.13 14.50
CA GLY B 378 8.94 -10.37 13.71
C GLY B 378 7.48 -10.73 13.63
N GLY B 379 7.00 -10.91 12.40
CA GLY B 379 5.58 -11.10 12.06
C GLY B 379 4.82 -9.80 11.79
N GLN B 380 5.52 -8.67 11.75
CA GLN B 380 4.88 -7.34 11.47
C GLN B 380 4.23 -7.31 10.06
N ASN B 381 3.25 -6.45 9.90
CA ASN B 381 2.70 -6.04 8.58
C ASN B 381 3.81 -5.27 7.81
N ALA B 382 3.67 -5.18 6.51
CA ALA B 382 4.65 -4.54 5.61
C ALA B 382 5.04 -3.14 6.15
N HIS B 383 6.34 -2.95 6.30
CA HIS B 383 6.89 -1.64 6.75
C HIS B 383 7.03 -0.74 5.51
N ASN B 384 6.19 0.28 5.40
CA ASN B 384 6.20 1.18 4.24
C ASN B 384 6.71 2.57 4.63
N GLN B 385 7.32 3.22 3.67
CA GLN B 385 7.74 4.64 3.70
C GLN B 385 7.06 5.32 2.51
N ILE B 386 7.12 6.65 2.49
CA ILE B 386 6.54 7.46 1.40
C ILE B 386 7.69 8.29 0.88
N ALA B 387 7.92 8.24 -0.43
CA ALA B 387 8.90 9.13 -1.07
C ALA B 387 8.45 10.61 -0.87
N ILE B 388 9.35 11.47 -0.43
CA ILE B 388 9.11 12.95 -0.26
C ILE B 388 9.84 13.72 -1.35
N TYR B 389 10.96 13.25 -1.87
CA TYR B 389 11.66 13.88 -3.02
C TYR B 389 11.83 12.87 -4.14
N ALA B 390 11.87 13.37 -5.37
CA ALA B 390 12.08 12.58 -6.60
C ALA B 390 13.49 12.00 -6.60
N HIS B 391 13.63 10.81 -7.18
CA HIS B 391 14.93 10.15 -7.42
C HIS B 391 15.00 9.62 -8.84
N GLN B 392 16.05 10.01 -9.55
CA GLN B 392 16.40 9.56 -10.90
C GLN B 392 17.60 8.68 -10.70
N PRO B 393 17.47 7.36 -10.98
CA PRO B 393 18.55 6.41 -10.76
C PRO B 393 19.80 6.75 -11.57
N ARG B 394 20.97 6.64 -10.96
CA ARG B 394 22.26 6.79 -11.68
C ARG B 394 22.70 5.41 -12.21
N THR B 395 22.35 4.31 -11.53
CA THR B 395 22.70 2.93 -11.95
C THR B 395 21.42 2.10 -11.98
N ALA B 396 21.49 0.90 -12.53
CA ALA B 396 20.33 -0.02 -12.63
C ALA B 396 20.05 -0.60 -11.23
N ASP B 397 21.00 -0.51 -10.30
CA ASP B 397 20.80 -0.95 -8.90
C ASP B 397 19.93 0.01 -8.10
N GLU B 398 19.66 1.23 -8.62
CA GLU B 398 18.77 2.23 -7.97
C GLU B 398 17.34 2.16 -8.53
N ILE B 399 16.37 2.52 -7.71
CA ILE B 399 14.94 2.59 -8.09
C ILE B 399 14.60 4.04 -8.33
N PRO B 400 13.67 4.33 -9.26
CA PRO B 400 13.10 5.67 -9.37
C PRO B 400 12.05 5.87 -8.27
N MET B 401 11.84 7.13 -7.93
CA MET B 401 10.86 7.52 -6.93
C MET B 401 10.27 8.84 -7.39
N GLU B 402 8.96 9.01 -7.23
CA GLU B 402 8.30 10.33 -7.28
C GLU B 402 7.67 10.56 -5.92
N PRO B 403 7.50 11.83 -5.48
CA PRO B 403 6.87 12.11 -4.19
C PRO B 403 5.52 11.39 -4.14
N GLY B 404 5.21 10.78 -3.01
CA GLY B 404 3.93 10.09 -2.81
C GLY B 404 4.09 8.58 -3.02
N ASP B 405 5.13 8.13 -3.70
CA ASP B 405 5.28 6.65 -3.98
C ASP B 405 5.42 5.90 -2.66
N ILE B 406 4.82 4.74 -2.56
CA ILE B 406 4.97 3.87 -1.37
C ILE B 406 6.17 2.98 -1.60
N ILE B 407 7.09 2.99 -0.65
CA ILE B 407 8.38 2.26 -0.70
C ILE B 407 8.32 1.24 0.43
N GLY B 408 8.43 -0.05 0.13
CA GLY B 408 8.52 -1.11 1.15
C GLY B 408 9.98 -1.27 1.52
N VAL B 409 10.38 -0.90 2.72
CA VAL B 409 11.84 -0.85 3.03
C VAL B 409 12.32 -2.24 3.48
N ALA B 410 13.46 -2.70 2.95
CA ALA B 410 14.17 -3.94 3.37
C ALA B 410 15.27 -3.60 4.38
N GLY B 411 15.87 -2.39 4.30
CA GLY B 411 16.89 -1.97 5.26
C GLY B 411 17.52 -0.67 4.88
N ASN B 412 18.27 -0.12 5.84
CA ASN B 412 19.12 1.07 5.73
C ASN B 412 20.56 0.60 5.74
N HIS B 413 21.32 0.89 4.68
CA HIS B 413 22.72 0.42 4.54
C HIS B 413 23.66 1.29 5.36
N TRP B 414 23.18 2.39 5.98
CA TRP B 414 24.00 3.20 6.91
C TRP B 414 25.14 3.84 6.11
N ASP B 415 24.89 4.14 4.82
CA ASP B 415 25.87 4.76 3.90
C ASP B 415 25.21 5.88 3.07
N GLY B 416 24.03 6.33 3.47
CA GLY B 416 23.21 7.30 2.70
C GLY B 416 22.12 6.62 1.88
N TYR B 417 22.22 5.30 1.67
CA TYR B 417 21.23 4.55 0.87
C TYR B 417 20.52 3.52 1.74
N SER B 418 19.29 3.26 1.37
CA SER B 418 18.38 2.21 1.84
C SER B 418 18.03 1.34 0.64
N LYS B 419 17.49 0.16 0.93
CA LYS B 419 17.08 -0.81 -0.09
C LYS B 419 15.62 -1.13 0.15
N GLY B 420 14.84 -1.19 -0.91
CA GLY B 420 13.43 -1.56 -0.79
C GLY B 420 12.74 -1.69 -2.14
N VAL B 421 11.43 -1.80 -2.14
CA VAL B 421 10.63 -2.04 -3.35
C VAL B 421 9.76 -0.82 -3.56
N ASN B 422 9.85 -0.21 -4.74
CA ASN B 422 8.87 0.82 -5.17
C ASN B 422 7.59 0.05 -5.49
N ARG B 423 6.58 0.18 -4.65
CA ARG B 423 5.38 -0.68 -4.68
C ARG B 423 4.56 -0.42 -5.95
N LYS B 424 4.63 0.74 -6.53
CA LYS B 424 3.95 1.00 -7.83
C LYS B 424 4.58 0.18 -8.95
N LEU B 425 5.88 -0.08 -8.91
CA LEU B 425 6.61 -0.62 -10.07
C LEU B 425 6.95 -2.10 -9.85
N GLY B 426 6.82 -2.59 -8.62
CA GLY B 426 7.38 -3.88 -8.22
C GLY B 426 8.86 -3.96 -8.51
N ARG B 427 9.59 -2.84 -8.43
CA ARG B 427 11.05 -2.79 -8.68
C ARG B 427 11.81 -2.59 -7.35
N THR B 428 12.82 -3.41 -7.10
CA THR B 428 13.65 -3.45 -5.87
C THR B 428 15.02 -2.86 -6.18
N GLY B 429 15.55 -2.08 -5.24
CA GLY B 429 16.92 -1.57 -5.34
C GLY B 429 17.14 -0.45 -4.34
N LEU B 430 18.15 0.36 -4.62
CA LEU B 430 18.72 1.36 -3.68
C LEU B 430 18.05 2.70 -3.91
N TYR B 431 17.92 3.48 -2.85
CA TYR B 431 17.44 4.89 -2.92
C TYR B 431 18.08 5.68 -1.79
N PRO B 432 18.27 7.02 -1.95
CA PRO B 432 18.83 7.83 -0.88
C PRO B 432 17.87 7.83 0.29
N SER B 433 18.37 7.51 1.48
CA SER B 433 17.58 7.39 2.73
C SER B 433 16.91 8.72 3.06
N TYR B 434 17.49 9.88 2.70
CA TYR B 434 16.91 11.19 3.08
C TYR B 434 15.63 11.47 2.28
N LYS B 435 15.39 10.78 1.20
CA LYS B 435 14.30 11.10 0.23
C LYS B 435 12.98 10.43 0.56
N VAL B 436 12.84 9.82 1.72
CA VAL B 436 11.58 9.20 2.20
C VAL B 436 11.28 9.65 3.61
N ARG B 437 10.02 9.46 3.99
CA ARG B 437 9.53 9.58 5.38
C ARG B 437 8.80 8.26 5.72
N GLU B 438 8.60 8.01 7.01
CA GLU B 438 7.87 6.84 7.52
C GLU B 438 6.37 7.04 7.27
N LYS B 439 5.70 6.00 6.78
CA LYS B 439 4.22 5.97 6.69
C LYS B 439 3.69 5.42 8.02
N ILE B 440 3.16 6.28 8.91
CA ILE B 440 2.47 5.84 10.15
C ILE B 440 1.18 5.10 9.76
N GLU B 441 1.00 3.86 10.14
CA GLU B 441 -0.28 3.15 9.90
C GLU B 441 -1.05 3.19 11.21
N THR B 442 -2.33 3.44 11.13
CA THR B 442 -3.21 3.50 12.30
C THR B 442 -4.25 2.39 12.18
N VAL B 443 -4.70 1.92 13.33
CA VAL B 443 -5.73 0.86 13.42
C VAL B 443 -6.73 1.30 14.46
N LYS B 444 -8.00 1.04 14.22
CA LYS B 444 -9.04 1.35 15.21
C LYS B 444 -9.00 0.26 16.28
N TYR B 445 -8.35 0.51 17.39
CA TYR B 445 -8.35 -0.34 18.58
C TYR B 445 -9.44 0.10 19.52
N PRO B 446 -9.92 -0.78 20.40
CA PRO B 446 -10.78 -0.38 21.52
C PRO B 446 -10.02 0.63 22.38
N THR B 447 -10.73 1.53 23.05
CA THR B 447 -10.11 2.60 23.86
C THR B 447 -10.36 2.38 25.35
N TYR B 448 -11.17 1.40 25.75
CA TYR B 448 -11.38 1.03 27.19
C TYR B 448 -11.67 2.28 28.03
N PRO B 449 -12.70 3.07 27.66
CA PRO B 449 -13.00 4.33 28.39
C PRO B 449 -13.38 4.08 29.86
N GLU B 450 -13.90 2.90 30.22
CA GLU B 450 -14.23 2.60 31.63
C GLU B 450 -12.97 2.42 32.46
N ALA B 451 -11.78 2.35 31.86
CA ALA B 451 -10.53 2.31 32.66
C ALA B 451 -10.28 3.68 33.33
N GLU B 452 -11.00 4.73 32.97
CA GLU B 452 -10.83 6.09 33.60
C GLU B 452 -11.80 6.33 34.77
N LYS B 453 -12.84 5.49 34.97
CA LYS B 453 -13.96 5.70 35.93
C LYS B 453 -13.73 4.84 37.18
#